data_7RRG
#
_entry.id   7RRG
#
_cell.length_a   227.270
_cell.length_b   46.253
_cell.length_c   120.262
_cell.angle_alpha   90.000
_cell.angle_beta   118.670
_cell.angle_gamma   90.000
#
_symmetry.space_group_name_H-M   'C 1 2 1'
#
loop_
_entity.id
_entity.type
_entity.pdbx_description
1 polymer 'HLA class I histocompatibility antigen, A alpha chain'
2 polymer Beta-2-microglobulin
3 polymer 'T cell receptor, alpha chain'
4 polymer 'T cell receptor, beta chain'
5 polymer 'Mutant PIK3CA peptide'
6 non-polymer GLYCEROL
7 water water
#
loop_
_entity_poly.entity_id
_entity_poly.type
_entity_poly.pdbx_seq_one_letter_code
_entity_poly.pdbx_strand_id
1 'polypeptide(L)'
;GSHSMRYFFTSVSRPGRGEPRFIAVGYVDDTQFVRFDSDAASQRMEPRAPWIEQEGPEYWDQETRNVKAQSQTDRVDLGT
LRGYYNQSEAGSHTIQIMYGCDVGSDGRFLRGYRQDAYDGKDYIALNEDLRSWTAADMAAQITKRKWEAAHEAEQLRAYL
DGTCVEWLRRYLENGKETLQRTDPPKTHMTHHPISDHEATLRCWALGFYPAEITLTWQRDGEDQTQDTELVETRPAGDGT
FQKWAAVVVPSGEEQRYTCHVQHEGLPKPLTLRW
;
A
2 'polypeptide(L)'
;MIQRTPKIQVYSRHPAENGKSNFLNCYVSGFHPSDIEVDLLKNGERIEKVEHSDLSFSKDWSFYLLYYTEFTPTEKDEYA
CRVNHVTLSQPKIVKWDRDM
;
B
3 'polypeptide(L)'
;MLAKTTQPISMDSYEGQEVNITCSHNNIATNDYITWYQQFPSQGPRFIIQGYKTKVTNEVASLFIPADRKSSTLSLPRVS
LSDTAVYYCLVGGAYTGGFKTIFGAGTRLFVKANIQNPDPAVYQLRDSKSSDKSVCLFTDFDSQTNVSQSKDSDVYITDK
CVLDMRSMDFKSNSAVAWSNKSDFACANAFNNSIIPEDTFFPSPESS
;
D
4 'polypeptide(L)'
;MEAGVAQSPRYKIIEKRQSVAFWCNPISGHATLYWYQQILGQGPKLLIQFQNNGVVDDSQLPKDRFSAERLKGVDSTLKI
QPAKLEDSAVYLCASSLVAETYEQYFGPGTRLTVTEDLNKVFPPEVAVFEPSEAEISHTQKATLVCLATGFFPDHVELSW
WVNGKEVHSGVCTDPQPLKEQPALNDSRYSLSSRLRVSATFWQNPRNHFRCQVQFYGLSENDEWTQDRAKPVTQIVSAEA
WGRAD
;
E
5 'polypeptide(L)' ALHGGWTTK C
#
loop_
_chem_comp.id
_chem_comp.type
_chem_comp.name
_chem_comp.formula
GOL non-polymer GLYCEROL 'C3 H8 O3'
#
# COMPACT_ATOMS: atom_id res chain seq x y z
N GLY A 1 15.97 15.20 11.97
CA GLY A 1 15.23 13.97 11.74
C GLY A 1 15.55 13.32 10.41
N SER A 2 14.51 12.87 9.71
CA SER A 2 14.69 12.23 8.42
C SER A 2 15.03 13.25 7.34
N HIS A 3 15.54 12.75 6.22
CA HIS A 3 15.93 13.58 5.10
C HIS A 3 15.51 12.89 3.80
N SER A 4 15.45 13.67 2.73
CA SER A 4 15.00 13.17 1.45
C SER A 4 15.78 13.82 0.32
N MET A 5 15.88 13.11 -0.79
CA MET A 5 16.39 13.64 -2.05
C MET A 5 15.35 13.36 -3.12
N ARG A 6 15.01 14.37 -3.91
CA ARG A 6 13.98 14.27 -4.94
C ARG A 6 14.47 14.87 -6.24
N TYR A 7 14.11 14.23 -7.34
CA TYR A 7 14.34 14.77 -8.68
C TYR A 7 12.99 14.87 -9.38
N PHE A 8 12.75 16.01 -10.04
CA PHE A 8 11.50 16.29 -10.73
C PHE A 8 11.80 16.60 -12.18
N PHE A 9 10.98 16.05 -13.08
CA PHE A 9 11.19 16.22 -14.52
C PHE A 9 9.87 16.57 -15.20
N THR A 10 9.91 17.58 -16.07
CA THR A 10 8.76 17.95 -16.89
C THR A 10 9.19 17.99 -18.35
N SER A 11 8.47 17.26 -19.20
CA SER A 11 8.68 17.32 -20.65
C SER A 11 7.37 17.73 -21.30
N VAL A 12 7.39 18.84 -22.04
CA VAL A 12 6.19 19.40 -22.68
C VAL A 12 6.40 19.41 -24.18
N SER A 13 5.58 18.65 -24.91
CA SER A 13 5.71 18.62 -26.36
C SER A 13 5.32 19.96 -26.97
N ARG A 14 5.96 20.29 -28.09
CA ARG A 14 5.75 21.55 -28.81
C ARG A 14 5.39 21.21 -30.25
N PRO A 15 4.11 20.97 -30.53
CA PRO A 15 3.72 20.51 -31.88
C PRO A 15 4.13 21.47 -32.96
N GLY A 16 5.03 21.01 -33.84
CA GLY A 16 5.44 21.76 -35.01
C GLY A 16 6.51 22.81 -34.78
N ARG A 17 6.99 22.97 -33.54
CA ARG A 17 7.98 23.99 -33.23
C ARG A 17 9.20 23.40 -32.54
N GLY A 18 9.59 22.20 -32.92
CA GLY A 18 10.83 21.61 -32.44
C GLY A 18 10.64 20.62 -31.31
N GLU A 19 11.74 20.31 -30.66
CA GLU A 19 11.76 19.37 -29.58
C GLU A 19 11.01 19.82 -28.34
N PRO A 20 10.58 18.88 -27.51
CA PRO A 20 9.84 19.28 -26.31
C PRO A 20 10.70 20.06 -25.33
N ARG A 21 10.03 20.93 -24.57
CA ARG A 21 10.69 21.64 -23.49
C ARG A 21 10.90 20.68 -22.32
N PHE A 22 12.13 20.64 -21.80
CA PHE A 22 12.50 19.72 -20.73
C PHE A 22 13.16 20.49 -19.61
N ILE A 23 12.62 20.34 -18.40
CA ILE A 23 13.15 21.01 -17.21
C ILE A 23 13.31 19.96 -16.11
N ALA A 24 14.49 19.90 -15.51
CA ALA A 24 14.80 19.00 -14.41
C ALA A 24 15.28 19.78 -13.21
N VAL A 25 14.80 19.42 -12.03
CA VAL A 25 15.27 20.02 -10.78
C VAL A 25 15.51 18.91 -9.77
N GLY A 26 16.55 19.08 -8.97
CA GLY A 26 16.87 18.16 -7.88
C GLY A 26 16.80 18.87 -6.54
N TYR A 27 16.24 18.18 -5.55
CA TYR A 27 16.02 18.75 -4.24
C TYR A 27 16.65 17.86 -3.18
N VAL A 28 17.26 18.48 -2.18
CA VAL A 28 17.57 17.84 -0.91
C VAL A 28 16.67 18.47 0.14
N ASP A 29 15.80 17.66 0.75
CA ASP A 29 14.73 18.17 1.59
C ASP A 29 13.97 19.25 0.83
N ASP A 30 13.93 20.47 1.36
CA ASP A 30 13.27 21.59 0.72
C ASP A 30 14.24 22.53 0.01
N THR A 31 15.49 22.11 -0.20
CA THR A 31 16.51 22.94 -0.83
C THR A 31 16.85 22.38 -2.20
N GLN A 32 16.67 23.20 -3.24
CA GLN A 32 17.07 22.81 -4.58
C GLN A 32 18.57 22.96 -4.74
N PHE A 33 19.19 22.03 -5.45
CA PHE A 33 20.65 22.09 -5.64
C PHE A 33 21.12 21.91 -7.07
N VAL A 34 20.31 21.37 -7.97
CA VAL A 34 20.68 21.25 -9.38
C VAL A 34 19.49 21.59 -10.26
N ARG A 35 19.78 21.93 -11.51
CA ARG A 35 18.73 22.20 -12.49
C ARG A 35 19.28 21.97 -13.90
N PHE A 36 18.37 21.64 -14.82
CA PHE A 36 18.67 21.57 -16.23
C PHE A 36 17.48 22.12 -16.99
N ASP A 37 17.74 22.97 -17.98
CA ASP A 37 16.70 23.54 -18.84
C ASP A 37 17.14 23.36 -20.29
N SER A 38 16.37 22.58 -21.05
CA SER A 38 16.69 22.34 -22.45
C SER A 38 16.71 23.62 -23.28
N ASP A 39 16.06 24.69 -22.81
CA ASP A 39 16.07 25.95 -23.52
C ASP A 39 17.20 26.87 -23.09
N ALA A 40 17.99 26.48 -22.09
CA ALA A 40 19.14 27.28 -21.69
C ALA A 40 20.32 27.03 -22.63
N ALA A 41 21.22 28.01 -22.69
CA ALA A 41 22.34 27.94 -23.63
C ALA A 41 23.43 26.98 -23.18
N SER A 42 23.60 26.78 -21.87
CA SER A 42 24.70 25.97 -21.37
C SER A 42 24.58 24.52 -21.81
N GLN A 43 23.38 23.97 -21.81
CA GLN A 43 23.15 22.55 -22.08
C GLN A 43 23.95 21.67 -21.12
N ARG A 44 24.06 22.12 -19.87
CA ARG A 44 24.70 21.36 -18.82
C ARG A 44 23.81 21.35 -17.59
N MET A 45 23.94 20.30 -16.78
CA MET A 45 23.44 20.39 -15.41
C MET A 45 24.12 21.54 -14.68
N GLU A 46 23.34 22.33 -13.95
CA GLU A 46 23.88 23.52 -13.33
C GLU A 46 23.66 23.48 -11.81
N PRO A 47 24.63 23.97 -11.03
CA PRO A 47 24.44 24.03 -9.58
C PRO A 47 23.45 25.10 -9.16
N ARG A 48 22.76 24.83 -8.06
CA ARG A 48 21.83 25.80 -7.49
C ARG A 48 21.99 25.96 -5.97
N ALA A 49 22.94 25.26 -5.37
CA ALA A 49 23.30 25.41 -3.97
C ALA A 49 24.81 25.48 -3.85
N PRO A 50 25.32 26.25 -2.89
CA PRO A 50 26.79 26.42 -2.79
C PRO A 50 27.53 25.11 -2.55
N TRP A 51 26.97 24.19 -1.77
CA TRP A 51 27.70 22.98 -1.40
C TRP A 51 27.85 22.01 -2.56
N ILE A 52 26.98 22.04 -3.56
CA ILE A 52 27.15 21.14 -4.70
C ILE A 52 28.22 21.64 -5.66
N GLU A 53 28.53 22.94 -5.63
CA GLU A 53 29.53 23.51 -6.53
C GLU A 53 30.91 22.93 -6.33
N GLN A 54 31.18 22.32 -5.17
CA GLN A 54 32.50 21.77 -4.92
C GLN A 54 32.70 20.41 -5.56
N GLU A 55 31.67 19.83 -6.18
CA GLU A 55 31.85 18.59 -6.93
C GLU A 55 32.72 18.86 -8.16
N GLY A 56 33.57 17.89 -8.48
CA GLY A 56 34.50 18.04 -9.57
C GLY A 56 33.85 17.89 -10.92
N PRO A 57 34.64 18.08 -11.97
CA PRO A 57 34.10 18.05 -13.34
C PRO A 57 33.50 16.70 -13.73
N GLU A 58 33.99 15.60 -13.15
CA GLU A 58 33.43 14.29 -13.47
C GLU A 58 31.98 14.19 -13.03
N TYR A 59 31.66 14.82 -11.88
CA TYR A 59 30.27 14.84 -11.43
C TYR A 59 29.37 15.56 -12.41
N TRP A 60 29.81 16.74 -12.90
CA TRP A 60 28.99 17.52 -13.80
C TRP A 60 28.87 16.88 -15.17
N ASP A 61 29.93 16.23 -15.65
CA ASP A 61 29.82 15.46 -16.88
C ASP A 61 28.85 14.30 -16.73
N GLN A 62 28.92 13.59 -15.60
CA GLN A 62 28.02 12.46 -15.38
C GLN A 62 26.57 12.91 -15.28
N GLU A 63 26.33 14.00 -14.54
CA GLU A 63 24.97 14.52 -14.37
C GLU A 63 24.42 15.08 -15.67
N THR A 64 25.25 15.76 -16.46
CA THR A 64 24.79 16.27 -17.75
C THR A 64 24.44 15.12 -18.70
N ARG A 65 25.26 14.08 -18.73
CA ARG A 65 24.98 12.91 -19.56
C ARG A 65 23.67 12.26 -19.18
N ASN A 66 23.45 12.06 -17.87
CA ASN A 66 22.27 11.34 -17.42
C ASN A 66 21.00 12.18 -17.51
N VAL A 67 21.11 13.50 -17.40
CA VAL A 67 19.90 14.32 -17.53
C VAL A 67 19.45 14.39 -18.98
N LYS A 68 20.41 14.43 -19.92
CA LYS A 68 20.06 14.39 -21.33
C LYS A 68 19.49 13.03 -21.72
N ALA A 69 20.01 11.95 -21.13
CA ALA A 69 19.45 10.63 -21.36
C ALA A 69 18.02 10.55 -20.85
N GLN A 70 17.77 11.09 -19.65
CA GLN A 70 16.39 11.17 -19.16
C GLN A 70 15.52 11.97 -20.12
N SER A 71 16.03 13.11 -20.60
CA SER A 71 15.26 13.94 -21.52
C SER A 71 14.94 13.20 -22.82
N GLN A 72 15.93 12.50 -23.38
CA GLN A 72 15.70 11.75 -24.61
C GLN A 72 14.71 10.61 -24.36
N THR A 73 14.80 9.97 -23.20
CA THR A 73 13.86 8.89 -22.86
C THR A 73 12.44 9.41 -22.81
N ASP A 74 12.23 10.56 -22.17
CA ASP A 74 10.90 11.16 -22.09
C ASP A 74 10.44 11.67 -23.44
N ARG A 75 11.35 12.15 -24.29
CA ARG A 75 10.97 12.57 -25.64
C ARG A 75 10.45 11.39 -26.45
N VAL A 76 11.12 10.24 -26.35
CA VAL A 76 10.62 9.03 -27.00
C VAL A 76 9.26 8.64 -26.42
N ASP A 77 9.13 8.73 -25.09
CA ASP A 77 7.91 8.32 -24.42
C ASP A 77 6.73 9.22 -24.78
N LEU A 78 6.99 10.50 -25.09
CA LEU A 78 5.91 11.39 -25.51
C LEU A 78 5.27 10.89 -26.80
N GLY A 79 6.09 10.49 -27.76
CA GLY A 79 5.54 9.92 -28.99
C GLY A 79 4.85 8.59 -28.76
N THR A 80 5.40 7.76 -27.86
CA THR A 80 4.79 6.46 -27.58
C THR A 80 3.44 6.62 -26.90
N LEU A 81 3.36 7.44 -25.86
CA LEU A 81 2.09 7.59 -25.14
C LEU A 81 1.04 8.27 -26.00
N ARG A 82 1.46 9.12 -26.93
CA ARG A 82 0.50 9.71 -27.87
C ARG A 82 -0.21 8.63 -28.66
N GLY A 83 0.53 7.60 -29.11
CA GLY A 83 -0.11 6.47 -29.77
C GLY A 83 -0.97 5.64 -28.84
N TYR A 84 -0.51 5.45 -27.59
CA TYR A 84 -1.29 4.69 -26.62
C TYR A 84 -2.67 5.33 -26.41
N TYR A 85 -2.72 6.66 -26.37
CA TYR A 85 -3.97 7.38 -26.13
C TYR A 85 -4.67 7.80 -27.41
N ASN A 86 -4.17 7.36 -28.58
CA ASN A 86 -4.78 7.67 -29.87
C ASN A 86 -4.95 9.17 -30.07
N GLN A 87 -3.94 9.93 -29.66
CA GLN A 87 -3.99 11.38 -29.78
C GLN A 87 -3.31 11.84 -31.06
N SER A 88 -3.70 13.03 -31.51
CA SER A 88 -3.14 13.59 -32.73
C SER A 88 -1.86 14.36 -32.44
N GLU A 89 -1.14 14.68 -33.52
CA GLU A 89 0.09 15.46 -33.40
C GLU A 89 -0.17 16.92 -33.05
N ALA A 90 -1.42 17.38 -33.21
CA ALA A 90 -1.70 18.81 -33.09
C ALA A 90 -1.60 19.28 -31.65
N GLY A 91 -2.02 18.47 -30.69
CA GLY A 91 -2.10 18.92 -29.30
C GLY A 91 -0.79 18.76 -28.56
N SER A 92 -0.63 19.57 -27.52
CA SER A 92 0.53 19.51 -26.65
C SER A 92 0.26 18.56 -25.49
N HIS A 93 1.29 17.85 -25.05
CA HIS A 93 1.15 16.89 -23.96
C HIS A 93 2.37 16.96 -23.05
N THR A 94 2.19 16.49 -21.82
CA THR A 94 3.17 16.67 -20.76
C THR A 94 3.43 15.35 -20.05
N ILE A 95 4.70 15.02 -19.85
CA ILE A 95 5.13 13.91 -19.01
C ILE A 95 5.84 14.47 -17.79
N GLN A 96 5.41 14.05 -16.60
CA GLN A 96 6.03 14.45 -15.35
C GLN A 96 6.51 13.22 -14.61
N ILE A 97 7.72 13.31 -14.04
CA ILE A 97 8.33 12.21 -13.31
C ILE A 97 8.93 12.76 -12.02
N MET A 98 8.70 12.06 -10.93
N MET A 98 8.70 12.07 -10.93
CA MET A 98 9.33 12.35 -9.65
CA MET A 98 9.40 12.40 -9.68
C MET A 98 9.86 11.03 -9.09
C MET A 98 9.84 11.10 -9.01
N TYR A 99 11.09 11.07 -8.56
CA TYR A 99 11.64 9.91 -7.89
C TYR A 99 12.66 10.37 -6.87
N GLY A 100 12.97 9.46 -5.93
CA GLY A 100 13.95 9.76 -4.91
C GLY A 100 13.85 8.76 -3.78
N CYS A 101 14.46 9.13 -2.65
CA CYS A 101 14.54 8.26 -1.50
C CYS A 101 14.47 9.07 -0.22
N ASP A 102 14.05 8.43 0.86
CA ASP A 102 14.07 9.00 2.19
C ASP A 102 15.02 8.21 3.07
N VAL A 103 15.73 8.91 3.96
CA VAL A 103 16.62 8.29 4.92
C VAL A 103 16.26 8.79 6.31
N GLY A 104 16.55 7.97 7.32
CA GLY A 104 16.30 8.35 8.69
C GLY A 104 17.42 9.18 9.27
N SER A 105 17.28 9.51 10.56
CA SER A 105 18.31 10.29 11.24
C SER A 105 19.63 9.54 11.29
N ASP A 106 19.59 8.21 11.24
CA ASP A 106 20.80 7.38 11.18
C ASP A 106 21.37 7.30 9.77
N GLY A 107 20.70 7.87 8.77
CA GLY A 107 21.13 7.73 7.40
C GLY A 107 20.69 6.47 6.72
N ARG A 108 19.89 5.64 7.39
CA ARG A 108 19.47 4.36 6.83
C ARG A 108 18.29 4.54 5.89
N PHE A 109 18.23 3.68 4.88
CA PHE A 109 17.15 3.74 3.90
C PHE A 109 15.79 3.56 4.56
N LEU A 110 14.84 4.42 4.19
CA LEU A 110 13.47 4.32 4.70
C LEU A 110 12.48 3.94 3.61
N ARG A 111 12.48 4.65 2.48
CA ARG A 111 11.60 4.32 1.38
C ARG A 111 12.13 4.93 0.10
N GLY A 112 11.65 4.39 -1.02
CA GLY A 112 11.99 4.92 -2.33
C GLY A 112 10.73 5.11 -3.14
N TYR A 113 10.83 6.01 -4.13
CA TYR A 113 9.69 6.39 -4.94
C TYR A 113 10.08 6.54 -6.39
N ARG A 114 9.11 6.27 -7.27
CA ARG A 114 9.19 6.63 -8.68
C ARG A 114 7.75 6.75 -9.18
N GLN A 115 7.33 7.96 -9.53
CA GLN A 115 5.96 8.21 -9.97
C GLN A 115 5.99 8.93 -11.31
N ASP A 116 5.15 8.48 -12.24
CA ASP A 116 5.07 9.04 -13.59
C ASP A 116 3.65 9.51 -13.88
N ALA A 117 3.54 10.63 -14.59
CA ALA A 117 2.26 11.21 -14.93
C ALA A 117 2.22 11.55 -16.41
N TYR A 118 1.01 11.67 -16.93
CA TYR A 118 0.77 12.10 -18.31
C TYR A 118 -0.36 13.10 -18.29
N ASP A 119 -0.10 14.30 -18.81
CA ASP A 119 -1.08 15.39 -18.84
C ASP A 119 -1.67 15.66 -17.45
N GLY A 120 -0.80 15.61 -16.44
CA GLY A 120 -1.18 16.01 -15.10
C GLY A 120 -1.93 14.97 -14.28
N LYS A 121 -2.09 13.75 -14.79
CA LYS A 121 -2.77 12.69 -14.08
C LYS A 121 -1.84 11.49 -13.94
N ASP A 122 -2.04 10.73 -12.86
CA ASP A 122 -1.24 9.53 -12.62
C ASP A 122 -1.21 8.64 -13.85
N TYR A 123 -0.01 8.16 -14.18
CA TYR A 123 0.17 7.21 -15.26
C TYR A 123 0.67 5.86 -14.74
N ILE A 124 1.82 5.84 -14.09
CA ILE A 124 2.33 4.61 -13.46
C ILE A 124 3.16 5.02 -12.26
N ALA A 125 3.17 4.17 -11.24
CA ALA A 125 3.90 4.43 -10.00
C ALA A 125 4.53 3.14 -9.52
N LEU A 126 5.73 3.25 -8.96
CA LEU A 126 6.38 2.12 -8.32
C LEU A 126 5.80 1.92 -6.92
N ASN A 127 5.47 0.68 -6.59
CA ASN A 127 4.92 0.37 -5.28
C ASN A 127 6.01 0.41 -4.22
N GLU A 128 5.58 0.40 -2.95
CA GLU A 128 6.50 0.58 -1.83
C GLU A 128 7.55 -0.52 -1.76
N ASP A 129 7.26 -1.70 -2.30
CA ASP A 129 8.23 -2.79 -2.24
C ASP A 129 9.27 -2.69 -3.35
N LEU A 130 9.17 -1.70 -4.23
CA LEU A 130 10.16 -1.40 -5.27
C LEU A 130 10.33 -2.54 -6.26
N ARG A 131 9.35 -3.44 -6.37
CA ARG A 131 9.42 -4.49 -7.39
C ARG A 131 8.08 -4.77 -8.04
N SER A 132 7.10 -3.87 -7.90
CA SER A 132 5.81 -3.99 -8.55
C SER A 132 5.28 -2.60 -8.85
N TRP A 133 4.34 -2.51 -9.78
CA TRP A 133 3.88 -1.24 -10.31
C TRP A 133 2.36 -1.12 -10.22
N THR A 134 1.89 0.11 -10.11
CA THR A 134 0.47 0.43 -10.12
C THR A 134 0.18 1.29 -11.35
N ALA A 135 -0.59 0.74 -12.29
CA ALA A 135 -0.95 1.43 -13.52
C ALA A 135 -2.32 2.05 -13.36
N ALA A 136 -2.46 3.31 -13.79
CA ALA A 136 -3.66 4.07 -13.49
C ALA A 136 -4.77 3.85 -14.51
N ASP A 137 -4.43 3.50 -15.74
CA ASP A 137 -5.44 3.31 -16.78
C ASP A 137 -4.98 2.19 -17.71
N MET A 138 -5.76 1.96 -18.77
CA MET A 138 -5.48 0.87 -19.68
C MET A 138 -4.23 1.11 -20.52
N ALA A 139 -3.97 2.36 -20.89
CA ALA A 139 -2.75 2.65 -21.64
C ALA A 139 -1.51 2.37 -20.80
N ALA A 140 -1.57 2.66 -19.50
CA ALA A 140 -0.45 2.39 -18.62
C ALA A 140 -0.23 0.90 -18.39
N GLN A 141 -1.21 0.06 -18.71
CA GLN A 141 -1.02 -1.40 -18.59
C GLN A 141 0.09 -1.87 -19.52
N ILE A 142 0.17 -1.28 -20.72
CA ILE A 142 1.22 -1.65 -21.67
C ILE A 142 2.59 -1.39 -21.06
N THR A 143 2.77 -0.20 -20.48
CA THR A 143 4.04 0.13 -19.83
C THR A 143 4.29 -0.77 -18.62
N LYS A 144 3.25 -1.02 -17.81
CA LYS A 144 3.42 -1.85 -16.62
C LYS A 144 3.89 -3.25 -16.99
N ARG A 145 3.31 -3.84 -18.05
CA ARG A 145 3.73 -5.19 -18.45
C ARG A 145 5.16 -5.19 -18.97
N LYS A 146 5.55 -4.14 -19.70
CA LYS A 146 6.92 -4.01 -20.15
C LYS A 146 7.88 -3.86 -18.98
N TRP A 147 7.55 -2.99 -18.02
CA TRP A 147 8.45 -2.72 -16.90
C TRP A 147 8.47 -3.86 -15.88
N GLU A 148 7.37 -4.63 -15.79
CA GLU A 148 7.36 -5.78 -14.90
C GLU A 148 8.44 -6.78 -15.29
N ALA A 149 8.70 -6.93 -16.59
CA ALA A 149 9.63 -7.91 -17.11
C ALA A 149 10.99 -7.31 -17.46
N ALA A 150 11.27 -6.09 -17.03
CA ALA A 150 12.49 -5.38 -17.42
C ALA A 150 13.55 -5.53 -16.35
N HIS A 151 14.73 -6.03 -16.74
CA HIS A 151 15.85 -6.13 -15.81
C HIS A 151 16.34 -4.76 -15.36
N GLU A 152 16.03 -3.70 -16.11
CA GLU A 152 16.34 -2.34 -15.66
C GLU A 152 15.58 -1.96 -14.40
N ALA A 153 14.43 -2.59 -14.14
CA ALA A 153 13.72 -2.31 -12.90
C ALA A 153 14.47 -2.81 -11.68
N GLU A 154 15.29 -3.86 -11.85
CA GLU A 154 16.16 -4.31 -10.75
C GLU A 154 17.21 -3.25 -10.43
N GLN A 155 17.77 -2.60 -11.44
CA GLN A 155 18.77 -1.56 -11.19
C GLN A 155 18.12 -0.31 -10.63
N LEU A 156 16.88 0.01 -11.04
CA LEU A 156 16.17 1.14 -10.44
C LEU A 156 15.93 0.90 -8.95
N ARG A 157 15.53 -0.31 -8.59
CA ARG A 157 15.38 -0.65 -7.17
C ARG A 157 16.71 -0.51 -6.44
N ALA A 158 17.81 -0.96 -7.06
CA ALA A 158 19.11 -0.83 -6.41
C ALA A 158 19.55 0.62 -6.31
N TYR A 159 19.16 1.47 -7.27
CA TYR A 159 19.46 2.88 -7.16
C TYR A 159 18.72 3.51 -5.97
N LEU A 160 17.43 3.21 -5.84
CA LEU A 160 16.59 3.91 -4.87
C LEU A 160 16.96 3.56 -3.43
N ASP A 161 17.26 2.28 -3.16
CA ASP A 161 17.66 1.88 -1.81
C ASP A 161 19.16 1.89 -1.60
N GLY A 162 19.92 2.08 -2.67
CA GLY A 162 21.37 2.04 -2.66
C GLY A 162 22.00 3.39 -3.00
N THR A 163 22.24 3.56 -4.30
CA THR A 163 22.92 4.75 -4.83
C THR A 163 22.27 6.04 -4.33
N CYS A 164 20.93 6.11 -4.34
CA CYS A 164 20.24 7.32 -3.92
C CYS A 164 20.56 7.66 -2.47
N VAL A 165 20.56 6.66 -1.60
CA VAL A 165 20.87 6.89 -0.20
C VAL A 165 22.31 7.35 -0.03
N GLU A 166 23.24 6.76 -0.77
CA GLU A 166 24.65 7.11 -0.63
C GLU A 166 24.91 8.56 -1.04
N TRP A 167 24.33 9.00 -2.17
CA TRP A 167 24.55 10.37 -2.60
C TRP A 167 23.91 11.36 -1.63
N LEU A 168 22.73 11.02 -1.09
CA LEU A 168 22.08 11.89 -0.12
C LEU A 168 22.95 12.06 1.12
N ARG A 169 23.59 10.99 1.59
CA ARG A 169 24.50 11.10 2.73
C ARG A 169 25.66 12.02 2.40
N ARG A 170 26.24 11.89 1.19
CA ARG A 170 27.34 12.75 0.79
C ARG A 170 26.90 14.22 0.73
N TYR A 171 25.71 14.48 0.17
CA TYR A 171 25.22 15.85 0.09
C TYR A 171 24.96 16.43 1.47
N LEU A 172 24.38 15.64 2.37
CA LEU A 172 24.09 16.12 3.71
C LEU A 172 25.36 16.51 4.45
N GLU A 173 26.44 15.73 4.30
CA GLU A 173 27.70 16.07 4.94
C GLU A 173 28.31 17.32 4.30
N ASN A 174 28.29 17.41 2.97
CA ASN A 174 28.87 18.57 2.31
C ASN A 174 28.09 19.84 2.60
N GLY A 175 26.77 19.74 2.66
CA GLY A 175 25.94 20.89 2.99
C GLY A 175 25.49 20.90 4.43
N LYS A 176 26.37 20.44 5.33
CA LYS A 176 26.00 20.29 6.73
C LYS A 176 25.60 21.62 7.35
N GLU A 177 26.26 22.71 6.96
CA GLU A 177 25.99 24.01 7.58
C GLU A 177 24.57 24.48 7.30
N THR A 178 24.05 24.21 6.10
CA THR A 178 22.75 24.71 5.68
C THR A 178 21.65 23.64 5.69
N LEU A 179 21.95 22.42 5.24
CA LEU A 179 20.90 21.41 5.13
C LEU A 179 20.49 20.88 6.49
N GLN A 180 21.38 20.87 7.46
CA GLN A 180 21.09 20.36 8.79
C GLN A 180 20.50 21.42 9.72
N ARG A 181 20.41 22.67 9.26
CA ARG A 181 19.84 23.73 10.08
C ARG A 181 18.33 23.60 10.16
N THR A 182 17.76 24.28 11.15
CA THR A 182 16.31 24.35 11.29
C THR A 182 15.96 25.74 11.82
N ASP A 183 15.34 26.56 10.97
CA ASP A 183 15.02 27.94 11.35
C ASP A 183 13.62 27.99 11.94
N PRO A 184 13.46 28.38 13.20
CA PRO A 184 12.12 28.48 13.76
C PRO A 184 11.35 29.63 13.16
N PRO A 185 10.03 29.53 13.08
CA PRO A 185 9.25 30.65 12.54
C PRO A 185 9.21 31.83 13.49
N LYS A 186 9.20 33.03 12.91
CA LYS A 186 8.94 34.26 13.66
C LYS A 186 7.45 34.55 13.56
N THR A 187 6.78 34.60 14.70
CA THR A 187 5.33 34.66 14.75
C THR A 187 4.85 36.00 15.28
N HIS A 188 3.74 36.48 14.71
CA HIS A 188 3.07 37.67 15.19
C HIS A 188 1.64 37.64 14.68
N MET A 189 0.79 38.46 15.29
CA MET A 189 -0.62 38.53 14.93
C MET A 189 -0.99 39.97 14.57
N THR A 190 -1.89 40.11 13.60
CA THR A 190 -2.38 41.42 13.17
C THR A 190 -3.89 41.47 13.30
N HIS A 191 -4.40 42.70 13.44
CA HIS A 191 -5.83 42.95 13.63
C HIS A 191 -6.32 43.84 12.50
N HIS A 192 -7.36 43.40 11.80
CA HIS A 192 -7.91 44.16 10.69
C HIS A 192 -9.44 44.19 10.76
N PRO A 193 -10.05 45.34 11.13
CA PRO A 193 -11.50 45.53 11.19
C PRO A 193 -12.24 45.03 9.95
N SER A 195 -16.86 44.99 9.03
CA SER A 195 -17.89 45.90 9.55
C SER A 195 -17.59 46.28 11.00
N ASP A 196 -18.63 46.51 11.77
CA ASP A 196 -18.52 46.76 13.19
C ASP A 196 -18.86 45.50 13.96
N HIS A 197 -18.19 45.31 15.10
CA HIS A 197 -18.27 44.07 15.87
C HIS A 197 -17.89 42.86 15.01
N GLU A 198 -16.92 43.06 14.12
CA GLU A 198 -16.36 41.97 13.33
C GLU A 198 -15.04 42.41 12.71
N ALA A 199 -14.01 41.59 12.89
CA ALA A 199 -12.69 41.88 12.35
C ALA A 199 -12.02 40.57 11.94
N THR A 200 -10.79 40.67 11.43
CA THR A 200 -10.00 39.52 11.04
C THR A 200 -8.70 39.52 11.83
N LEU A 201 -8.38 38.37 12.44
CA LEU A 201 -7.10 38.17 13.09
C LEU A 201 -6.23 37.28 12.21
N ARG A 202 -5.11 37.82 11.75
CA ARG A 202 -4.16 37.08 10.92
C ARG A 202 -2.96 36.67 11.76
N CYS A 203 -2.64 35.38 11.74
CA CYS A 203 -1.54 34.82 12.52
C CYS A 203 -0.40 34.48 11.56
N TRP A 204 0.72 35.18 11.69
CA TRP A 204 1.83 35.10 10.75
C TRP A 204 2.90 34.13 11.24
N ALA A 205 3.58 33.49 10.28
CA ALA A 205 4.74 32.65 10.54
C ALA A 205 5.73 32.88 9.40
N LEU A 206 6.89 33.45 9.70
CA LEU A 206 7.82 33.91 8.68
C LEU A 206 9.21 33.38 8.95
N GLY A 207 9.98 33.21 7.86
CA GLY A 207 11.39 32.85 7.95
C GLY A 207 11.68 31.52 8.58
N PHE A 208 10.87 30.49 8.29
CA PHE A 208 11.06 29.18 8.87
C PHE A 208 11.53 28.18 7.82
N TYR A 209 12.32 27.21 8.28
CA TYR A 209 12.84 26.12 7.47
C TYR A 209 12.95 24.93 8.43
N PRO A 210 12.48 23.73 8.04
CA PRO A 210 11.89 23.37 6.74
C PRO A 210 10.46 23.89 6.53
N ALA A 211 9.91 23.64 5.34
CA ALA A 211 8.62 24.19 4.96
C ALA A 211 7.46 23.62 5.77
N GLU A 212 7.61 22.44 6.37
CA GLU A 212 6.52 21.84 7.11
C GLU A 212 6.17 22.67 8.34
N ILE A 213 4.88 22.99 8.48
CA ILE A 213 4.40 23.83 9.57
C ILE A 213 2.90 23.61 9.71
N THR A 214 2.39 23.79 10.93
CA THR A 214 0.96 23.66 11.21
C THR A 214 0.49 24.91 11.94
N LEU A 215 -0.49 25.60 11.35
CA LEU A 215 -1.12 26.76 11.98
C LEU A 215 -2.60 26.47 12.13
N THR A 216 -3.12 26.67 13.35
CA THR A 216 -4.51 26.36 13.65
C THR A 216 -5.12 27.47 14.50
N TRP A 217 -6.38 27.80 14.21
CA TRP A 217 -7.14 28.75 15.01
C TRP A 217 -8.05 28.00 15.96
N GLN A 218 -8.22 28.55 17.17
CA GLN A 218 -9.00 27.89 18.21
C GLN A 218 -9.79 28.93 19.00
N ARG A 219 -11.08 28.66 19.22
CA ARG A 219 -11.94 29.51 20.03
C ARG A 219 -12.28 28.81 21.33
N ASP A 220 -11.95 29.45 22.45
CA ASP A 220 -12.26 28.92 23.78
C ASP A 220 -11.68 27.53 23.98
N GLY A 221 -10.51 27.28 23.39
CA GLY A 221 -9.89 25.98 23.44
C GLY A 221 -10.44 24.96 22.46
N GLU A 222 -11.44 25.34 21.66
CA GLU A 222 -12.05 24.45 20.67
C GLU A 222 -11.48 24.76 19.30
N ASP A 223 -11.12 23.72 18.56
CA ASP A 223 -10.58 23.89 17.21
C ASP A 223 -11.59 24.64 16.34
N GLN A 224 -11.11 25.67 15.65
CA GLN A 224 -11.95 26.51 14.82
C GLN A 224 -11.48 26.35 13.37
N THR A 225 -12.05 25.36 12.69
CA THR A 225 -11.78 25.11 11.27
C THR A 225 -12.97 25.51 10.41
N GLN A 226 -13.79 26.44 10.89
CA GLN A 226 -14.95 26.91 10.15
C GLN A 226 -14.66 28.22 9.43
N THR A 228 -12.02 30.21 9.34
CA THR A 228 -10.58 30.43 9.18
C THR A 228 -10.18 30.38 7.71
N GLU A 229 -9.18 31.17 7.35
CA GLU A 229 -8.60 31.14 6.01
C GLU A 229 -7.12 30.81 6.11
N LEU A 230 -6.69 29.77 5.41
CA LEU A 230 -5.31 29.30 5.44
C LEU A 230 -4.72 29.46 4.05
N VAL A 231 -3.60 30.17 3.96
CA VAL A 231 -2.90 30.30 2.68
C VAL A 231 -1.87 29.20 2.57
N GLU A 232 -1.57 28.84 1.33
CA GLU A 232 -0.55 27.83 1.05
C GLU A 232 0.81 28.35 1.47
N THR A 233 1.63 27.46 2.04
CA THR A 233 2.99 27.81 2.39
C THR A 233 3.74 28.28 1.15
N ARG A 234 4.40 29.43 1.27
CA ARG A 234 5.00 30.08 0.11
C ARG A 234 6.48 30.36 0.37
N PRO A 235 7.30 30.35 -0.68
CA PRO A 235 8.73 30.62 -0.50
C PRO A 235 9.00 32.10 -0.36
N ALA A 236 9.84 32.46 0.61
CA ALA A 236 10.24 33.86 0.77
C ALA A 236 11.25 34.27 -0.29
N GLY A 237 11.99 33.32 -0.85
CA GLY A 237 13.03 33.59 -1.83
C GLY A 237 14.44 33.47 -1.30
N ASP A 238 14.61 33.33 0.01
CA ASP A 238 15.92 33.22 0.64
C ASP A 238 16.16 31.84 1.25
N GLY A 239 15.39 30.84 0.85
CA GLY A 239 15.46 29.52 1.43
C GLY A 239 14.50 29.27 2.57
N THR A 240 13.87 30.32 3.09
CA THR A 240 12.88 30.19 4.15
C THR A 240 11.47 30.30 3.56
N PHE A 241 10.47 30.01 4.39
CA PHE A 241 9.09 29.95 3.94
C PHE A 241 8.21 30.83 4.82
N GLN A 242 7.02 31.12 4.31
CA GLN A 242 6.04 31.93 5.00
C GLN A 242 4.68 31.27 4.94
N LYS A 243 3.86 31.55 5.95
CA LYS A 243 2.48 31.09 6.00
C LYS A 243 1.71 31.95 6.98
N TRP A 244 0.42 32.11 6.73
CA TRP A 244 -0.41 32.79 7.71
C TRP A 244 -1.81 32.18 7.73
N ALA A 245 -2.44 32.27 8.89
CA ALA A 245 -3.81 31.81 9.10
C ALA A 245 -4.63 32.97 9.65
N ALA A 246 -5.79 33.22 9.05
CA ALA A 246 -6.65 34.33 9.44
C ALA A 246 -8.03 33.80 9.79
N VAL A 247 -8.65 34.43 10.80
CA VAL A 247 -9.99 34.07 11.24
C VAL A 247 -10.80 35.34 11.47
N VAL A 248 -12.10 35.27 11.17
CA VAL A 248 -13.02 36.38 11.36
C VAL A 248 -13.52 36.34 12.79
N VAL A 249 -13.55 37.52 13.43
CA VAL A 249 -13.78 37.63 14.86
C VAL A 249 -14.84 38.70 15.14
N PRO A 250 -15.94 38.39 15.82
CA PRO A 250 -16.78 39.46 16.36
C PRO A 250 -15.99 40.23 17.43
N SER A 251 -16.13 41.55 17.42
CA SER A 251 -15.29 42.39 18.26
C SER A 251 -15.59 42.14 19.74
N GLY A 252 -14.56 42.34 20.56
CA GLY A 252 -14.61 41.99 21.96
C GLY A 252 -14.23 40.56 22.28
N GLU A 253 -14.26 39.68 21.28
CA GLU A 253 -13.89 38.28 21.42
C GLU A 253 -12.46 38.01 21.00
N GLU A 254 -11.57 38.98 21.18
CA GLU A 254 -10.22 38.86 20.65
C GLU A 254 -9.38 37.85 21.42
N GLN A 255 -9.61 37.72 22.73
CA GLN A 255 -8.86 36.79 23.55
C GLN A 255 -9.50 35.40 23.64
N ARG A 256 -10.69 35.21 23.07
CA ARG A 256 -11.22 33.85 22.94
C ARG A 256 -10.40 33.04 21.95
N TYR A 257 -9.87 33.71 20.92
CA TYR A 257 -9.21 33.05 19.80
C TYR A 257 -7.72 32.88 20.09
N THR A 258 -7.20 31.70 19.78
CA THR A 258 -5.81 31.37 19.97
C THR A 258 -5.25 30.77 18.69
N CYS A 259 -4.06 31.23 18.31
CA CYS A 259 -3.35 30.67 17.16
C CYS A 259 -2.23 29.76 17.67
N HIS A 260 -2.17 28.56 17.13
CA HIS A 260 -1.18 27.57 17.52
C HIS A 260 -0.23 27.29 16.37
N VAL A 261 1.07 27.37 16.65
CA VAL A 261 2.11 27.20 15.65
C VAL A 261 2.90 25.95 15.99
N GLN A 262 2.95 25.01 15.06
CA GLN A 262 3.71 23.77 15.21
C GLN A 262 4.83 23.77 14.18
N HIS A 263 6.06 23.64 14.65
CA HIS A 263 7.22 23.59 13.77
C HIS A 263 8.34 22.85 14.48
N GLU A 264 9.13 22.10 13.71
CA GLU A 264 10.19 21.29 14.30
C GLU A 264 11.31 22.15 14.88
N GLY A 265 11.36 23.43 14.52
CA GLY A 265 12.31 24.35 15.11
C GLY A 265 11.89 24.98 16.41
N LEU A 266 10.68 24.68 16.87
CA LEU A 266 10.16 25.22 18.13
C LEU A 266 10.39 24.22 19.25
N PRO A 267 10.78 24.70 20.44
CA PRO A 267 10.89 23.79 21.59
C PRO A 267 9.56 23.16 21.96
N LYS A 268 8.53 23.98 22.14
CA LYS A 268 7.17 23.56 22.34
C LYS A 268 6.27 24.33 21.38
N PRO A 269 5.12 23.78 21.01
CA PRO A 269 4.21 24.52 20.12
C PRO A 269 3.80 25.85 20.74
N LEU A 270 3.81 26.89 19.92
CA LEU A 270 3.50 28.23 20.36
C LEU A 270 1.99 28.47 20.33
N THR A 271 1.51 29.24 21.30
CA THR A 271 0.13 29.70 21.32
C THR A 271 0.12 31.22 21.29
N LEU A 272 -0.70 31.80 20.43
CA LEU A 272 -0.74 33.24 20.20
C LEU A 272 -2.10 33.78 20.58
N ARG A 273 -2.09 34.85 21.39
CA ARG A 273 -3.30 35.55 21.80
C ARG A 273 -3.17 37.01 21.37
N TRP A 274 -4.23 37.56 20.80
CA TRP A 274 -4.22 38.94 20.37
C TRP A 274 -4.28 39.87 21.58
N MET B 1 -9.54 16.90 -12.92
CA MET B 1 -9.77 18.08 -13.74
C MET B 1 -8.60 18.29 -14.70
N ILE B 2 -8.92 18.44 -15.99
CA ILE B 2 -7.88 18.43 -17.02
C ILE B 2 -6.95 19.63 -16.88
N GLN B 3 -7.52 20.82 -16.71
CA GLN B 3 -6.76 22.05 -16.57
C GLN B 3 -7.10 22.68 -15.23
N ARG B 4 -6.07 23.16 -14.53
CA ARG B 4 -6.21 23.74 -13.20
C ARG B 4 -5.72 25.17 -13.23
N THR B 5 -6.55 26.09 -12.71
CA THR B 5 -6.23 27.50 -12.72
C THR B 5 -5.22 27.84 -11.61
N PRO B 6 -4.32 28.80 -11.87
CA PRO B 6 -3.29 29.09 -10.88
C PRO B 6 -3.82 29.84 -9.65
N LYS B 7 -3.30 29.47 -8.49
CA LYS B 7 -3.43 30.29 -7.30
C LYS B 7 -2.28 31.30 -7.29
N ILE B 8 -2.59 32.52 -6.87
CA ILE B 8 -1.66 33.64 -6.94
C ILE B 8 -1.53 34.28 -5.57
N GLN B 9 -0.29 34.47 -5.11
CA GLN B 9 0.00 35.24 -3.91
C GLN B 9 1.06 36.27 -4.24
N VAL B 10 0.83 37.51 -3.82
CA VAL B 10 1.76 38.62 -4.00
C VAL B 10 2.18 39.10 -2.62
N TYR B 11 3.48 39.20 -2.39
CA TYR B 11 3.98 39.48 -1.05
C TYR B 11 5.46 39.88 -1.16
N SER B 12 5.99 40.40 -0.07
CA SER B 12 7.40 40.76 0.02
C SER B 12 8.18 39.70 0.77
N ARG B 13 9.47 39.59 0.46
CA ARG B 13 10.34 38.63 1.14
C ARG B 13 10.45 38.96 2.63
N HIS B 14 10.59 40.24 2.96
CA HIS B 14 10.71 40.74 4.32
C HIS B 14 9.54 41.66 4.63
N PRO B 15 9.25 41.91 5.91
CA PRO B 15 8.18 42.87 6.24
C PRO B 15 8.43 44.22 5.57
N ALA B 16 7.37 44.78 5.00
CA ALA B 16 7.51 45.98 4.19
C ALA B 16 7.88 47.18 5.05
N GLU B 17 8.84 47.97 4.57
CA GLU B 17 9.27 49.20 5.21
C GLU B 17 9.56 50.23 4.12
N ASN B 18 8.81 51.34 4.14
CA ASN B 18 8.98 52.35 3.11
C ASN B 18 10.41 52.90 3.13
N GLY B 19 11.02 52.97 1.96
CA GLY B 19 12.39 53.43 1.84
C GLY B 19 13.45 52.37 2.05
N LYS B 20 13.07 51.13 2.30
CA LYS B 20 14.01 50.04 2.54
C LYS B 20 13.94 49.03 1.41
N SER B 21 15.11 48.58 0.96
CA SER B 21 15.17 47.61 -0.13
C SER B 21 14.55 46.29 0.29
N ASN B 22 13.89 45.63 -0.67
CA ASN B 22 13.15 44.41 -0.38
C ASN B 22 13.01 43.63 -1.70
N PHE B 23 12.32 42.50 -1.62
CA PHE B 23 12.02 41.68 -2.78
C PHE B 23 10.52 41.51 -2.88
N LEU B 24 9.98 41.74 -4.08
CA LEU B 24 8.56 41.53 -4.35
C LEU B 24 8.36 40.17 -5.01
N ASN B 25 7.49 39.35 -4.44
CA ASN B 25 7.28 37.98 -4.88
C ASN B 25 5.89 37.79 -5.45
N CYS B 26 5.79 37.01 -6.51
CA CYS B 26 4.52 36.51 -7.01
C CYS B 26 4.62 35.00 -7.12
N TYR B 27 3.92 34.30 -6.23
CA TYR B 27 3.97 32.84 -6.17
C TYR B 27 2.72 32.30 -6.85
N VAL B 28 2.91 31.61 -7.97
CA VAL B 28 1.81 30.96 -8.70
C VAL B 28 1.95 29.46 -8.53
N SER B 29 0.86 28.80 -8.17
CA SER B 29 0.92 27.38 -7.85
C SER B 29 -0.41 26.72 -8.21
N GLY B 30 -0.41 25.39 -8.17
CA GLY B 30 -1.62 24.64 -8.39
C GLY B 30 -2.16 24.67 -9.80
N PHE B 31 -1.34 24.99 -10.79
CA PHE B 31 -1.85 25.14 -12.15
C PHE B 31 -1.35 24.02 -13.06
N HIS B 32 -2.12 23.80 -14.13
CA HIS B 32 -1.81 22.82 -15.16
C HIS B 32 -2.60 23.19 -16.41
N PRO B 33 -1.98 23.17 -17.60
CA PRO B 33 -0.57 22.83 -17.88
C PRO B 33 0.43 23.90 -17.45
N SER B 34 1.71 23.64 -17.75
CA SER B 34 2.78 24.49 -17.23
C SER B 34 2.86 25.84 -17.93
N ASP B 35 2.33 25.96 -19.14
CA ASP B 35 2.34 27.20 -19.90
C ASP B 35 1.67 28.33 -19.11
N ILE B 36 2.43 29.37 -18.80
CA ILE B 36 1.93 30.46 -17.97
C ILE B 36 2.70 31.73 -18.29
N GLU B 37 2.04 32.87 -18.12
CA GLU B 37 2.63 34.18 -18.34
C GLU B 37 2.44 35.00 -17.09
N VAL B 38 3.55 35.41 -16.46
CA VAL B 38 3.51 36.13 -15.20
C VAL B 38 4.32 37.41 -15.34
N ASP B 39 3.72 38.54 -14.97
CA ASP B 39 4.41 39.82 -14.98
C ASP B 39 4.23 40.51 -13.64
N LEU B 40 5.26 41.23 -13.20
CA LEU B 40 5.18 42.08 -12.02
C LEU B 40 4.98 43.52 -12.49
N LEU B 41 4.05 44.22 -11.85
CA LEU B 41 3.66 45.56 -12.25
C LEU B 41 3.98 46.56 -11.16
N LYS B 42 4.48 47.73 -11.56
CA LYS B 42 4.64 48.88 -10.68
C LYS B 42 3.82 50.02 -11.27
N ASN B 43 2.78 50.43 -10.54
CA ASN B 43 1.85 51.46 -11.02
C ASN B 43 1.26 51.10 -12.38
N GLY B 44 0.96 49.81 -12.56
CA GLY B 44 0.34 49.32 -13.77
C GLY B 44 1.27 49.07 -14.93
N GLU B 45 2.58 49.23 -14.75
CA GLU B 45 3.56 49.04 -15.82
C GLU B 45 4.45 47.85 -15.51
N ARG B 46 4.79 47.10 -16.56
CA ARG B 46 5.56 45.88 -16.41
C ARG B 46 6.97 46.19 -15.90
N ILE B 47 7.37 45.51 -14.81
CA ILE B 47 8.73 45.61 -14.32
C ILE B 47 9.63 44.78 -15.21
N GLU B 48 10.72 45.38 -15.69
CA GLU B 48 11.48 44.78 -16.78
C GLU B 48 12.34 43.61 -16.29
N LYS B 49 13.13 43.82 -15.25
CA LYS B 49 14.08 42.79 -14.81
C LYS B 49 13.42 41.97 -13.72
N VAL B 50 12.78 40.87 -14.14
CA VAL B 50 12.08 39.96 -13.23
C VAL B 50 12.62 38.56 -13.46
N GLU B 51 12.97 37.88 -12.37
CA GLU B 51 13.48 36.53 -12.42
C GLU B 51 12.44 35.56 -11.86
N HIS B 52 12.62 34.28 -12.16
CA HIS B 52 11.71 33.25 -11.69
C HIS B 52 12.47 31.97 -11.38
N SER B 53 11.86 31.15 -10.53
CA SER B 53 12.42 29.87 -10.14
C SER B 53 12.29 28.85 -11.27
N ASP B 54 12.92 27.70 -11.09
CA ASP B 54 12.81 26.61 -12.04
C ASP B 54 11.51 25.85 -11.82
N LEU B 55 10.86 25.50 -12.92
CA LEU B 55 9.55 24.86 -12.87
C LEU B 55 9.60 23.55 -12.10
N SER B 56 8.67 23.37 -11.18
CA SER B 56 8.51 22.15 -10.41
C SER B 56 7.03 21.95 -10.14
N PHE B 57 6.71 20.85 -9.47
CA PHE B 57 5.31 20.50 -9.24
C PHE B 57 5.14 19.82 -7.90
N SER B 58 3.89 19.82 -7.42
CA SER B 58 3.52 19.24 -6.14
C SER B 58 3.09 17.79 -6.32
N LYS B 59 2.62 17.17 -5.24
CA LYS B 59 2.25 15.75 -5.28
C LYS B 59 1.09 15.50 -6.23
N ASP B 60 0.18 16.46 -6.37
CA ASP B 60 -0.95 16.30 -7.27
C ASP B 60 -0.60 16.64 -8.72
N TRP B 61 0.70 16.79 -9.02
CA TRP B 61 1.25 17.09 -10.33
C TRP B 61 0.99 18.52 -10.81
N SER B 62 0.45 19.39 -9.94
CA SER B 62 0.23 20.78 -10.32
C SER B 62 1.53 21.57 -10.17
N PHE B 63 1.77 22.48 -11.09
CA PHE B 63 3.03 23.22 -11.15
C PHE B 63 3.01 24.41 -10.19
N TYR B 64 4.20 24.87 -9.84
CA TYR B 64 4.35 26.10 -9.08
C TYR B 64 5.60 26.84 -9.53
N LEU B 65 5.54 28.17 -9.46
CA LEU B 65 6.63 29.04 -9.86
C LEU B 65 6.64 30.26 -8.96
N LEU B 66 7.84 30.76 -8.67
CA LEU B 66 8.02 32.00 -7.93
C LEU B 66 8.68 33.02 -8.85
N TYR B 67 8.03 34.16 -9.05
CA TYR B 67 8.56 35.30 -9.77
C TYR B 67 8.93 36.39 -8.77
N TYR B 68 10.11 36.98 -8.93
CA TYR B 68 10.58 37.93 -7.93
C TYR B 68 11.43 39.01 -8.58
N THR B 69 11.51 40.15 -7.89
CA THR B 69 12.35 41.26 -8.32
C THR B 69 12.68 42.12 -7.11
N GLU B 70 13.78 42.85 -7.22
CA GLU B 70 14.16 43.79 -6.19
C GLU B 70 13.28 45.04 -6.27
N PHE B 71 12.86 45.55 -5.12
CA PHE B 71 12.06 46.77 -5.11
C PHE B 71 12.19 47.45 -3.74
N THR B 72 11.95 48.75 -3.74
CA THR B 72 11.92 49.55 -2.53
C THR B 72 10.52 50.12 -2.36
N PRO B 73 9.69 49.53 -1.50
CA PRO B 73 8.31 50.01 -1.37
C PRO B 73 8.25 51.42 -0.83
N THR B 74 7.25 52.16 -1.28
CA THR B 74 6.93 53.49 -0.79
C THR B 74 5.46 53.55 -0.42
N GLU B 75 5.05 54.69 0.14
CA GLU B 75 3.65 54.86 0.52
C GLU B 75 2.74 54.90 -0.70
N LYS B 76 3.18 55.54 -1.79
CA LYS B 76 2.31 55.80 -2.93
C LYS B 76 2.39 54.72 -4.00
N ASP B 77 3.54 54.08 -4.18
CA ASP B 77 3.72 53.19 -5.33
C ASP B 77 2.84 51.95 -5.22
N GLU B 78 2.22 51.59 -6.34
CA GLU B 78 1.30 50.47 -6.42
C GLU B 78 1.98 49.29 -7.11
N TYR B 79 1.94 48.13 -6.49
CA TYR B 79 2.55 46.93 -7.04
C TYR B 79 1.50 45.83 -7.18
N ALA B 80 1.67 44.99 -8.21
CA ALA B 80 0.71 43.93 -8.50
C ALA B 80 1.40 42.85 -9.33
N CYS B 81 0.70 41.72 -9.47
CA CYS B 81 1.13 40.61 -10.30
C CYS B 81 0.04 40.31 -11.31
N ARG B 82 0.43 40.19 -12.59
CA ARG B 82 -0.50 39.93 -13.68
C ARG B 82 -0.20 38.54 -14.24
N VAL B 83 -1.21 37.67 -14.24
CA VAL B 83 -1.03 36.27 -14.60
C VAL B 83 -2.00 35.93 -15.72
N ASN B 84 -1.47 35.32 -16.79
CA ASN B 84 -2.29 34.80 -17.88
C ASN B 84 -2.06 33.30 -18.00
N HIS B 85 -3.14 32.56 -18.25
CA HIS B 85 -3.12 31.11 -18.30
C HIS B 85 -4.27 30.64 -19.19
N VAL B 86 -4.15 29.42 -19.71
CA VAL B 86 -5.18 28.91 -20.62
C VAL B 86 -6.52 28.81 -19.92
N THR B 87 -6.52 28.65 -18.60
CA THR B 87 -7.75 28.58 -17.83
C THR B 87 -8.42 29.94 -17.62
N LEU B 88 -7.75 31.04 -17.95
CA LEU B 88 -8.26 32.39 -17.72
C LEU B 88 -8.65 33.04 -19.03
N SER B 89 -9.89 33.54 -19.10
CA SER B 89 -10.35 34.24 -20.30
C SER B 89 -9.57 35.53 -20.51
N GLN B 90 -9.25 36.23 -19.44
CA GLN B 90 -8.49 37.48 -19.47
C GLN B 90 -7.42 37.44 -18.40
N PRO B 91 -6.34 38.20 -18.57
CA PRO B 91 -5.28 38.21 -17.56
C PRO B 91 -5.83 38.59 -16.18
N LYS B 92 -5.31 37.92 -15.16
CA LYS B 92 -5.72 38.12 -13.79
C LYS B 92 -4.67 38.97 -13.07
N ILE B 93 -5.13 40.03 -12.41
CA ILE B 93 -4.25 40.97 -11.72
C ILE B 93 -4.54 40.89 -10.24
N VAL B 94 -3.50 40.62 -9.44
CA VAL B 94 -3.60 40.57 -7.99
C VAL B 94 -2.70 41.66 -7.44
N LYS B 95 -3.28 42.57 -6.67
CA LYS B 95 -2.55 43.71 -6.13
C LYS B 95 -1.78 43.31 -4.88
N TRP B 96 -0.64 43.95 -4.66
CA TRP B 96 0.17 43.68 -3.49
C TRP B 96 -0.45 44.35 -2.27
N ASP B 97 -0.78 43.54 -1.26
CA ASP B 97 -1.24 44.04 0.04
C ASP B 97 -0.19 43.66 1.08
N ARG B 98 0.43 44.67 1.69
CA ARG B 98 1.52 44.40 2.63
C ARG B 98 1.03 43.77 3.93
N ASP B 99 -0.28 43.68 4.13
CA ASP B 99 -0.87 42.94 5.24
C ASP B 99 -1.21 41.50 4.85
N MET B 100 -0.79 41.06 3.67
CA MET B 100 -1.08 39.71 3.19
C MET B 100 0.12 39.08 2.50
N ALA C 3 11.11 -30.94 -9.78
CA ALA C 3 10.26 -29.79 -10.04
C ALA C 3 10.85 -28.89 -11.11
N LYS C 4 10.17 -28.81 -12.25
CA LYS C 4 10.65 -28.01 -13.37
C LYS C 4 10.33 -26.53 -13.21
N THR C 5 9.57 -26.14 -12.19
CA THR C 5 8.97 -24.81 -12.12
C THR C 5 9.63 -23.97 -11.04
N THR C 6 9.85 -22.69 -11.37
CA THR C 6 10.27 -21.69 -10.39
C THR C 6 9.41 -20.45 -10.59
N GLN C 7 8.77 -20.00 -9.53
CA GLN C 7 7.90 -18.83 -9.56
C GLN C 7 8.15 -18.01 -8.30
N PRO C 8 7.80 -16.73 -8.31
CA PRO C 8 8.07 -15.90 -7.12
C PRO C 8 7.37 -16.43 -5.89
N ILE C 9 8.01 -16.23 -4.74
CA ILE C 9 7.46 -16.71 -3.47
C ILE C 9 6.15 -15.99 -3.15
N SER C 10 6.13 -14.67 -3.32
CA SER C 10 4.93 -13.90 -3.00
C SER C 10 4.88 -12.66 -3.87
N MET C 11 3.66 -12.14 -4.02
CA MET C 11 3.41 -10.92 -4.77
C MET C 11 2.35 -10.09 -4.05
N ASP C 12 2.54 -8.78 -4.05
CA ASP C 12 1.57 -7.84 -3.51
C ASP C 12 0.98 -7.01 -4.64
N SER C 13 -0.31 -6.74 -4.57
CA SER C 13 -0.96 -5.92 -5.57
C SER C 13 -2.17 -5.23 -4.95
N TYR C 14 -2.51 -4.06 -5.49
CA TYR C 14 -3.71 -3.35 -5.09
C TYR C 14 -4.90 -3.83 -5.91
N GLU C 15 -6.08 -3.79 -5.29
CA GLU C 15 -7.29 -4.25 -5.97
C GLU C 15 -7.54 -3.40 -7.21
N GLY C 16 -8.02 -4.05 -8.27
CA GLY C 16 -8.25 -3.40 -9.53
C GLY C 16 -7.09 -3.44 -10.50
N GLN C 17 -5.93 -3.91 -10.06
CA GLN C 17 -4.76 -3.98 -10.92
C GLN C 17 -4.71 -5.33 -11.63
N GLU C 18 -4.08 -5.33 -12.81
CA GLU C 18 -3.77 -6.59 -13.47
C GLU C 18 -2.57 -7.23 -12.78
N VAL C 19 -2.66 -8.52 -12.49
CA VAL C 19 -1.61 -9.26 -11.80
C VAL C 19 -1.06 -10.30 -12.77
N ASN C 20 0.24 -10.21 -13.05
CA ASN C 20 0.94 -11.16 -13.91
C ASN C 20 1.95 -11.93 -13.09
N ILE C 21 1.83 -13.26 -13.09
CA ILE C 21 2.72 -14.15 -12.37
C ILE C 21 3.50 -14.96 -13.39
N THR C 22 4.82 -14.80 -13.40
CA THR C 22 5.67 -15.49 -14.36
C THR C 22 6.30 -16.71 -13.71
N CYS C 23 6.30 -17.81 -14.45
CA CYS C 23 6.85 -19.07 -13.99
C CYS C 23 7.91 -19.52 -14.99
N SER C 24 9.06 -19.92 -14.48
CA SER C 24 10.19 -20.33 -15.32
C SER C 24 10.27 -21.85 -15.33
N HIS C 25 10.24 -22.43 -16.54
CA HIS C 25 10.39 -23.88 -16.72
C HIS C 25 11.18 -24.11 -18.01
N ASN C 26 12.50 -24.06 -17.90
CA ASN C 26 13.36 -24.12 -19.08
C ASN C 26 13.62 -25.54 -19.56
N ASN C 27 13.39 -26.54 -18.70
CA ASN C 27 13.55 -27.94 -19.08
C ASN C 27 12.22 -28.59 -19.46
N ILE C 28 11.29 -27.81 -20.00
CA ILE C 28 9.99 -28.34 -20.37
C ILE C 28 10.15 -29.35 -21.51
N ALA C 29 9.35 -30.40 -21.48
CA ALA C 29 9.40 -31.46 -22.47
C ALA C 29 8.30 -31.29 -23.52
N THR C 30 8.42 -32.08 -24.60
CA THR C 30 7.48 -31.99 -25.70
C THR C 30 6.07 -32.36 -25.26
N ASN C 31 5.93 -33.37 -24.42
CA ASN C 31 4.63 -33.85 -23.98
C ASN C 31 4.14 -33.16 -22.72
N ASP C 32 4.79 -32.07 -22.30
CA ASP C 32 4.37 -31.35 -21.09
C ASP C 32 3.24 -30.38 -21.39
N TYR C 33 2.31 -30.27 -20.45
CA TYR C 33 1.35 -29.17 -20.41
C TYR C 33 1.75 -28.21 -19.30
N ILE C 34 1.31 -26.96 -19.42
CA ILE C 34 1.49 -25.94 -18.40
C ILE C 34 0.12 -25.69 -17.77
N THR C 35 0.01 -25.94 -16.46
CA THR C 35 -1.25 -25.88 -15.75
C THR C 35 -1.11 -25.02 -14.51
N TRP C 36 -2.11 -24.19 -14.24
CA TRP C 36 -2.09 -23.34 -13.05
C TRP C 36 -3.27 -23.69 -12.15
N TYR C 37 -3.00 -23.73 -10.85
CA TYR C 37 -4.02 -23.96 -9.83
C TYR C 37 -4.04 -22.79 -8.86
N GLN C 38 -5.22 -22.52 -8.29
CA GLN C 38 -5.41 -21.45 -7.32
C GLN C 38 -6.03 -22.04 -6.05
N GLN C 39 -5.45 -21.73 -4.91
CA GLN C 39 -5.87 -22.29 -3.63
C GLN C 39 -6.26 -21.17 -2.67
N PHE C 40 -7.56 -21.06 -2.39
CA PHE C 40 -8.05 -20.13 -1.39
C PHE C 40 -7.81 -20.67 0.02
N PRO C 41 -7.75 -19.80 1.02
CA PRO C 41 -7.54 -20.28 2.39
C PRO C 41 -8.67 -21.21 2.84
N SER C 42 -8.30 -22.23 3.63
CA SER C 42 -9.23 -23.24 4.12
C SER C 42 -9.93 -23.99 2.98
N GLN C 43 -9.22 -24.16 1.86
CA GLN C 43 -9.77 -24.85 0.71
C GLN C 43 -8.66 -25.62 0.01
N GLY C 44 -9.05 -26.61 -0.78
CA GLY C 44 -8.13 -27.29 -1.64
C GLY C 44 -7.83 -26.49 -2.88
N PRO C 45 -6.78 -26.89 -3.61
CA PRO C 45 -6.45 -26.23 -4.87
C PRO C 45 -7.58 -26.41 -5.88
N ARG C 46 -7.70 -25.43 -6.77
N ARG C 46 -7.71 -25.43 -6.76
CA ARG C 46 -8.73 -25.43 -7.81
CA ARG C 46 -8.73 -25.45 -7.81
C ARG C 46 -8.08 -25.14 -9.16
C ARG C 46 -8.08 -25.14 -9.16
N PHE C 47 -8.40 -25.95 -10.16
CA PHE C 47 -7.88 -25.75 -11.51
C PHE C 47 -8.39 -24.42 -12.06
N ILE C 48 -7.51 -23.66 -12.70
CA ILE C 48 -7.96 -22.43 -13.33
C ILE C 48 -7.65 -22.37 -14.83
N ILE C 49 -6.52 -22.96 -15.26
CA ILE C 49 -6.15 -22.88 -16.67
C ILE C 49 -5.05 -23.86 -17.04
N GLN C 50 -5.05 -24.32 -18.29
CA GLN C 50 -4.01 -25.18 -18.83
C GLN C 50 -3.80 -24.81 -20.28
N GLY C 51 -2.53 -24.83 -20.72
CA GLY C 51 -2.22 -24.55 -22.11
C GLY C 51 -1.03 -25.36 -22.57
N TYR C 52 -0.80 -25.35 -23.89
CA TYR C 52 0.40 -25.97 -24.43
C TYR C 52 1.34 -24.98 -25.09
N LYS C 53 0.93 -24.31 -26.18
CA LYS C 53 1.75 -23.27 -26.80
C LYS C 53 0.99 -21.97 -26.95
N THR C 54 -0.21 -22.07 -27.53
CA THR C 54 -1.01 -20.89 -27.85
C THR C 54 -1.56 -20.27 -26.56
N LYS C 55 -1.62 -18.94 -26.55
CA LYS C 55 -2.21 -18.23 -25.42
C LYS C 55 -3.64 -18.70 -25.18
N VAL C 56 -3.96 -18.96 -23.92
CA VAL C 56 -5.28 -19.44 -23.51
C VAL C 56 -5.91 -18.38 -22.63
N THR C 57 -7.21 -18.14 -22.83
CA THR C 57 -7.96 -17.21 -22.01
C THR C 57 -9.27 -17.85 -21.60
N ASN C 58 -9.63 -17.71 -20.32
CA ASN C 58 -10.97 -18.04 -19.86
C ASN C 58 -11.48 -16.94 -18.95
N GLU C 59 -12.62 -17.17 -18.28
CA GLU C 59 -13.19 -16.12 -17.45
C GLU C 59 -12.42 -15.87 -16.17
N VAL C 60 -11.48 -16.74 -15.81
CA VAL C 60 -10.70 -16.58 -14.59
C VAL C 60 -9.36 -15.90 -14.86
N ALA C 61 -8.67 -16.29 -15.93
CA ALA C 61 -7.33 -15.79 -16.17
C ALA C 61 -6.97 -16.01 -17.63
N SER C 62 -5.83 -15.44 -18.02
CA SER C 62 -5.20 -15.76 -19.30
C SER C 62 -3.80 -16.31 -19.05
N LEU C 63 -3.37 -17.21 -19.93
CA LEU C 63 -2.07 -17.85 -19.81
C LEU C 63 -1.28 -17.62 -21.09
N PHE C 64 -0.14 -16.92 -20.97
CA PHE C 64 0.71 -16.63 -22.11
C PHE C 64 1.96 -17.49 -22.06
N ILE C 65 2.29 -18.10 -23.20
CA ILE C 65 3.44 -19.00 -23.32
C ILE C 65 4.27 -18.54 -24.51
N PRO C 66 5.54 -18.21 -24.33
CA PRO C 66 6.37 -17.81 -25.48
C PRO C 66 6.65 -19.00 -26.39
N ALA C 67 7.30 -18.69 -27.52
CA ALA C 67 7.52 -19.68 -28.56
C ALA C 67 8.37 -20.85 -28.06
N ASP C 68 9.35 -20.58 -27.21
CA ASP C 68 10.26 -21.60 -26.72
C ASP C 68 9.72 -22.38 -25.52
N ARG C 69 8.56 -21.98 -24.97
CA ARG C 69 7.91 -22.67 -23.86
C ARG C 69 8.78 -22.75 -22.61
N LYS C 70 9.86 -21.97 -22.54
CA LYS C 70 10.74 -22.01 -21.37
C LYS C 70 10.17 -21.26 -20.18
N SER C 71 9.05 -20.56 -20.35
CA SER C 71 8.42 -19.82 -19.26
C SER C 71 6.94 -19.65 -19.60
N SER C 72 6.19 -19.14 -18.63
CA SER C 72 4.77 -18.85 -18.83
C SER C 72 4.36 -17.78 -17.85
N THR C 73 3.29 -17.06 -18.19
CA THR C 73 2.79 -15.96 -17.38
C THR C 73 1.28 -16.10 -17.21
N LEU C 74 0.85 -16.29 -15.96
CA LEU C 74 -0.57 -16.22 -15.63
C LEU C 74 -0.97 -14.77 -15.44
N SER C 75 -2.06 -14.36 -16.09
CA SER C 75 -2.52 -12.97 -16.04
C SER C 75 -3.91 -12.91 -15.44
N LEU C 76 -4.03 -12.29 -14.27
CA LEU C 76 -5.33 -12.06 -13.65
C LEU C 76 -5.81 -10.66 -14.04
N PRO C 77 -6.98 -10.53 -14.69
CA PRO C 77 -7.33 -9.26 -15.35
C PRO C 77 -7.46 -8.07 -14.41
N ARG C 78 -8.30 -8.20 -13.38
CA ARG C 78 -8.55 -7.09 -12.45
C ARG C 78 -8.85 -7.72 -11.09
N VAL C 79 -7.87 -7.73 -10.21
CA VAL C 79 -7.96 -8.53 -8.99
C VAL C 79 -8.82 -7.81 -7.97
N SER C 80 -9.60 -8.59 -7.22
CA SER C 80 -10.34 -8.10 -6.07
C SER C 80 -9.71 -8.67 -4.81
N LEU C 81 -10.18 -8.18 -3.65
CA LEU C 81 -9.66 -8.64 -2.38
C LEU C 81 -9.82 -10.15 -2.22
N SER C 82 -10.87 -10.72 -2.82
CA SER C 82 -11.12 -12.15 -2.71
C SER C 82 -10.11 -12.99 -3.49
N ASP C 83 -9.32 -12.38 -4.37
CA ASP C 83 -8.33 -13.13 -5.15
C ASP C 83 -7.06 -13.45 -4.36
N THR C 84 -6.97 -13.04 -3.10
CA THR C 84 -5.84 -13.40 -2.25
C THR C 84 -5.79 -14.92 -2.08
N ALA C 85 -4.78 -15.57 -2.64
CA ALA C 85 -4.69 -17.02 -2.65
C ALA C 85 -3.27 -17.43 -3.02
N VAL C 86 -3.04 -18.73 -3.08
CA VAL C 86 -1.79 -19.30 -3.56
C VAL C 86 -1.99 -19.76 -4.99
N TYR C 87 -1.08 -19.38 -5.89
CA TYR C 87 -1.17 -19.71 -7.30
C TYR C 87 0.00 -20.59 -7.69
N TYR C 88 -0.29 -21.82 -8.10
CA TYR C 88 0.72 -22.83 -8.41
C TYR C 88 0.88 -22.99 -9.91
N CYS C 89 2.11 -22.94 -10.39
CA CYS C 89 2.42 -23.23 -11.79
C CYS C 89 2.95 -24.65 -11.88
N LEU C 90 2.30 -25.48 -12.69
CA LEU C 90 2.61 -26.91 -12.80
C LEU C 90 2.99 -27.24 -14.24
N VAL C 91 4.01 -28.07 -14.39
CA VAL C 91 4.46 -28.58 -15.68
C VAL C 91 4.54 -30.10 -15.58
N GLY C 92 3.88 -30.78 -16.52
CA GLY C 92 3.86 -32.24 -16.50
C GLY C 92 3.11 -32.75 -17.71
N GLY C 93 3.07 -34.07 -17.83
CA GLY C 93 2.43 -34.70 -18.97
C GLY C 93 2.34 -36.19 -18.77
N ALA C 94 1.77 -36.86 -19.78
CA ALA C 94 1.52 -38.30 -19.73
C ALA C 94 2.76 -39.06 -20.24
N TYR C 95 3.82 -39.00 -19.43
CA TYR C 95 5.06 -39.70 -19.73
C TYR C 95 5.83 -39.86 -18.43
N THR C 96 6.82 -40.76 -18.44
CA THR C 96 7.47 -41.18 -17.21
C THR C 96 8.06 -39.98 -16.46
N GLY C 97 8.74 -39.08 -17.17
CA GLY C 97 9.31 -37.92 -16.52
C GLY C 97 8.34 -36.84 -16.11
N GLY C 98 7.06 -36.99 -16.44
CA GLY C 98 6.10 -35.95 -16.12
C GLY C 98 4.83 -36.41 -15.44
N PHE C 99 4.74 -37.72 -15.15
CA PHE C 99 3.51 -38.28 -14.60
C PHE C 99 3.16 -37.66 -13.25
N LYS C 100 4.16 -37.50 -12.37
CA LYS C 100 3.91 -37.06 -11.02
C LYS C 100 3.51 -35.58 -10.99
N THR C 101 2.45 -35.28 -10.25
CA THR C 101 2.00 -33.90 -10.07
C THR C 101 2.80 -33.27 -8.94
N ILE C 102 3.48 -32.16 -9.23
CA ILE C 102 4.30 -31.45 -8.27
C ILE C 102 3.79 -30.02 -8.20
N PHE C 103 3.12 -29.66 -7.10
CA PHE C 103 2.58 -28.32 -6.96
C PHE C 103 3.67 -27.30 -6.68
N GLY C 104 4.61 -27.62 -5.78
CA GLY C 104 5.63 -26.67 -5.39
C GLY C 104 5.13 -25.68 -4.35
N ALA C 105 5.97 -24.68 -4.06
CA ALA C 105 5.60 -23.66 -3.09
C ALA C 105 4.53 -22.72 -3.62
N GLY C 106 4.53 -22.45 -4.92
CA GLY C 106 3.56 -21.54 -5.50
C GLY C 106 3.91 -20.09 -5.21
N THR C 107 2.98 -19.21 -5.58
CA THR C 107 3.11 -17.77 -5.36
C THR C 107 1.95 -17.30 -4.49
N ARG C 108 2.27 -16.72 -3.34
CA ARG C 108 1.25 -16.18 -2.44
C ARG C 108 0.91 -14.77 -2.89
N LEU C 109 -0.24 -14.60 -3.54
CA LEU C 109 -0.70 -13.29 -3.97
C LEU C 109 -1.53 -12.65 -2.86
N PHE C 110 -1.15 -11.45 -2.47
CA PHE C 110 -1.86 -10.68 -1.46
C PHE C 110 -2.43 -9.42 -2.11
N VAL C 111 -3.75 -9.24 -2.00
CA VAL C 111 -4.44 -8.11 -2.61
C VAL C 111 -4.75 -7.10 -1.51
N LYS C 112 -4.37 -5.85 -1.74
CA LYS C 112 -4.53 -4.78 -0.78
C LYS C 112 -5.65 -3.84 -1.22
N ALA C 113 -6.42 -3.34 -0.25
CA ALA C 113 -7.52 -2.43 -0.54
C ALA C 113 -7.01 -1.02 -0.80
N ASN C 114 -7.76 -0.28 -1.60
CA ASN C 114 -7.46 1.13 -1.89
C ASN C 114 -8.22 1.97 -0.89
N ILE C 115 -7.56 2.31 0.22
CA ILE C 115 -8.20 3.07 1.30
C ILE C 115 -8.38 4.50 0.83
N GLN C 116 -9.64 4.89 0.57
CA GLN C 116 -9.90 6.20 -0.01
C GLN C 116 -9.71 7.31 1.00
N ASN C 117 -10.13 7.10 2.25
CA ASN C 117 -10.08 8.13 3.29
C ASN C 117 -9.36 7.55 4.50
N PRO C 118 -8.03 7.47 4.46
CA PRO C 118 -7.29 6.91 5.60
C PRO C 118 -7.48 7.77 6.84
N ASP C 119 -7.86 7.13 7.94
CA ASP C 119 -8.01 7.78 9.23
C ASP C 119 -7.25 6.98 10.28
N PRO C 120 -5.91 6.93 10.17
CA PRO C 120 -5.13 6.04 11.04
C PRO C 120 -5.28 6.41 12.50
N ALA C 121 -5.93 5.54 13.27
CA ALA C 121 -6.29 5.88 14.64
C ALA C 121 -6.40 4.60 15.47
N VAL C 122 -5.81 4.63 16.65
CA VAL C 122 -5.84 3.53 17.60
C VAL C 122 -6.96 3.78 18.60
N TYR C 123 -7.84 2.80 18.76
CA TYR C 123 -8.92 2.88 19.74
C TYR C 123 -8.77 1.76 20.75
N GLN C 124 -9.60 1.82 21.80
CA GLN C 124 -9.53 0.87 22.90
C GLN C 124 -10.95 0.33 23.16
N LEU C 125 -11.19 -0.91 22.75
CA LEU C 125 -12.44 -1.58 23.02
C LEU C 125 -12.37 -2.30 24.37
N ARG C 126 -13.51 -2.41 25.04
CA ARG C 126 -13.59 -3.03 26.35
C ARG C 126 -14.54 -4.23 26.30
N ASP C 127 -14.21 -5.25 27.09
CA ASP C 127 -14.98 -6.49 27.08
C ASP C 127 -16.42 -6.26 27.53
N SER C 128 -17.33 -7.01 26.92
CA SER C 128 -18.74 -6.92 27.28
C SER C 128 -18.98 -7.40 28.71
N LYS C 129 -18.26 -8.43 29.14
CA LYS C 129 -18.42 -9.00 30.47
C LYS C 129 -17.29 -8.63 31.42
N SER C 130 -16.04 -8.89 31.04
CA SER C 130 -14.88 -8.56 31.86
C SER C 130 -14.45 -7.13 31.52
N SER C 131 -15.15 -6.16 32.11
CA SER C 131 -15.09 -4.78 31.66
C SER C 131 -13.69 -4.18 31.77
N ASP C 132 -12.79 -4.79 32.56
CA ASP C 132 -11.44 -4.27 32.73
C ASP C 132 -10.45 -4.84 31.72
N LYS C 133 -10.94 -5.45 30.64
CA LYS C 133 -10.08 -6.01 29.60
C LYS C 133 -10.16 -5.14 28.36
N SER C 134 -8.99 -4.81 27.80
CA SER C 134 -8.91 -3.90 26.66
C SER C 134 -7.86 -4.40 25.67
N VAL C 135 -8.01 -3.99 24.41
CA VAL C 135 -7.09 -4.35 23.34
C VAL C 135 -6.81 -3.13 22.48
N CYS C 136 -5.67 -3.16 21.79
CA CYS C 136 -5.33 -2.15 20.80
C CYS C 136 -6.09 -2.40 19.51
N LEU C 137 -6.63 -1.34 18.92
CA LEU C 137 -7.37 -1.43 17.65
C LEU C 137 -6.80 -0.39 16.70
N PHE C 138 -5.73 -0.77 15.99
CA PHE C 138 -5.17 0.06 14.93
C PHE C 138 -6.07 -0.07 13.70
N THR C 139 -6.66 1.04 13.26
CA THR C 139 -7.72 0.95 12.26
C THR C 139 -7.66 2.16 11.33
N ASP C 140 -8.23 1.97 10.13
CA ASP C 140 -8.39 3.00 9.12
C ASP C 140 -7.06 3.52 8.58
N PHE C 141 -6.01 2.74 8.74
CA PHE C 141 -4.75 2.99 8.07
C PHE C 141 -4.85 2.54 6.61
N ASP C 142 -4.07 3.18 5.74
CA ASP C 142 -4.01 2.70 4.37
C ASP C 142 -3.16 1.43 4.28
N SER C 143 -3.24 0.77 3.14
CA SER C 143 -2.60 -0.52 2.96
C SER C 143 -1.07 -0.42 2.91
N GLN C 144 -0.51 0.78 2.79
CA GLN C 144 0.93 0.93 2.66
C GLN C 144 1.67 0.51 3.91
N THR C 145 1.10 0.78 5.08
CA THR C 145 1.79 0.48 6.32
C THR C 145 1.85 -1.02 6.58
N ASN C 146 2.88 -1.43 7.32
CA ASN C 146 3.07 -2.81 7.72
C ASN C 146 2.96 -2.89 9.24
N VAL C 147 2.12 -3.80 9.73
CA VAL C 147 1.92 -3.98 11.16
C VAL C 147 2.99 -4.95 11.65
N SER C 148 3.89 -4.48 12.49
CA SER C 148 4.99 -5.30 13.00
C SER C 148 4.53 -6.14 14.19
N SER C 153 7.81 -11.41 25.01
CA SER C 153 6.84 -10.56 25.70
C SER C 153 5.44 -11.15 25.58
N ASP C 154 4.50 -10.59 26.35
CA ASP C 154 3.11 -11.00 26.32
C ASP C 154 2.25 -10.07 25.46
N VAL C 155 2.88 -9.29 24.58
CA VAL C 155 2.13 -8.43 23.67
C VAL C 155 1.75 -9.25 22.44
N TYR C 156 0.43 -9.41 22.23
CA TYR C 156 -0.10 -10.25 21.16
C TYR C 156 -0.58 -9.35 20.04
N ILE C 157 0.08 -9.42 18.89
CA ILE C 157 -0.21 -8.56 17.75
C ILE C 157 -0.66 -9.42 16.59
N THR C 158 -1.91 -9.25 16.17
CA THR C 158 -2.39 -9.89 14.95
C THR C 158 -1.99 -9.04 13.74
N ASP C 159 -2.01 -9.68 12.57
CA ASP C 159 -1.65 -8.99 11.34
C ASP C 159 -2.82 -8.13 10.87
N LYS C 160 -2.53 -7.26 9.90
CA LYS C 160 -3.55 -6.35 9.38
C LYS C 160 -4.63 -7.12 8.62
N CYS C 161 -5.89 -6.73 8.85
CA CYS C 161 -7.05 -7.36 8.27
C CYS C 161 -7.90 -6.30 7.58
N VAL C 162 -8.51 -6.65 6.45
CA VAL C 162 -9.32 -5.70 5.68
C VAL C 162 -10.74 -6.23 5.57
N LEU C 163 -11.70 -5.46 6.08
CA LEU C 163 -13.11 -5.81 6.02
C LEU C 163 -13.81 -4.92 5.00
N ASP C 164 -14.91 -5.42 4.45
CA ASP C 164 -15.63 -4.76 3.35
C ASP C 164 -17.08 -4.56 3.78
N MET C 165 -17.47 -3.31 3.94
CA MET C 165 -18.88 -2.95 4.15
C MET C 165 -19.50 -2.74 2.78
N ARG C 166 -20.04 -3.82 2.22
CA ARG C 166 -20.51 -3.79 0.84
C ARG C 166 -21.64 -2.79 0.64
N SER C 167 -22.46 -2.57 1.67
CA SER C 167 -23.61 -1.68 1.53
C SER C 167 -23.22 -0.20 1.43
N MET C 168 -22.02 0.17 1.89
CA MET C 168 -21.60 1.56 1.92
C MET C 168 -20.35 1.84 1.10
N ASP C 169 -19.84 0.85 0.36
CA ASP C 169 -18.62 1.00 -0.44
C ASP C 169 -17.45 1.48 0.42
N PHE C 170 -17.37 0.95 1.64
CA PHE C 170 -16.32 1.32 2.58
C PHE C 170 -15.51 0.08 2.95
N LYS C 171 -14.20 0.19 2.82
CA LYS C 171 -13.27 -0.85 3.24
C LYS C 171 -12.31 -0.26 4.27
N SER C 172 -12.01 -1.04 5.31
CA SER C 172 -11.16 -0.55 6.40
C SER C 172 -10.17 -1.63 6.81
N ASN C 173 -8.91 -1.25 6.91
CA ASN C 173 -7.88 -2.12 7.47
C ASN C 173 -7.91 -2.04 8.99
N SER C 174 -7.48 -3.12 9.65
CA SER C 174 -7.48 -3.14 11.11
C SER C 174 -6.46 -4.14 11.61
N ALA C 175 -6.02 -3.93 12.85
CA ALA C 175 -5.15 -4.85 13.56
C ALA C 175 -5.49 -4.77 15.05
N VAL C 176 -5.25 -5.87 15.77
CA VAL C 176 -5.67 -6.01 17.15
C VAL C 176 -4.48 -6.45 18.00
N ALA C 177 -4.30 -5.82 19.15
CA ALA C 177 -3.17 -6.11 20.03
C ALA C 177 -3.61 -6.10 21.49
N TRP C 178 -3.12 -7.08 22.25
CA TRP C 178 -3.30 -7.10 23.71
C TRP C 178 -2.02 -7.60 24.39
N SER C 182 -0.74 -1.02 29.61
CA SER C 182 -1.86 -1.15 28.70
C SER C 182 -1.51 -0.56 27.32
N ASP C 183 -2.54 -0.34 26.49
CA ASP C 183 -2.32 0.04 25.11
C ASP C 183 -1.80 1.48 25.02
N PHE C 184 -0.52 1.62 24.69
CA PHE C 184 -0.01 2.88 24.19
C PHE C 184 -0.43 3.08 22.74
N ALA C 185 -0.06 2.11 21.89
CA ALA C 185 -0.56 1.91 20.55
C ALA C 185 -0.30 0.45 20.21
N CYS C 186 -0.47 0.08 18.95
CA CYS C 186 -0.14 -1.27 18.52
C CYS C 186 1.37 -1.36 18.32
N ALA C 187 2.07 -1.54 19.45
CA ALA C 187 3.52 -1.71 19.58
C ALA C 187 4.38 -0.83 18.69
N ASN C 188 5.37 -1.45 18.06
CA ASN C 188 6.44 -0.74 17.35
C ASN C 188 6.34 -1.05 15.85
N ALA C 189 5.57 -0.22 15.16
CA ALA C 189 5.44 -0.31 13.71
C ALA C 189 5.49 1.10 13.15
N PHE C 190 5.59 1.19 11.83
CA PHE C 190 5.55 2.49 11.15
C PHE C 190 4.10 2.98 11.20
N ASN C 191 3.73 3.55 12.33
CA ASN C 191 2.38 4.03 12.59
C ASN C 191 2.33 5.55 12.52
N ASN C 192 1.13 6.11 12.58
CA ASN C 192 0.97 7.54 12.35
C ASN C 192 -0.25 8.08 13.09
N SER C 193 -0.25 9.41 13.25
CA SER C 193 -1.40 10.22 13.70
C SER C 193 -1.95 9.69 15.03
N ILE C 194 -3.25 9.55 15.18
CA ILE C 194 -3.88 9.31 16.47
C ILE C 194 -4.03 7.84 16.79
N ALA D 3 -21.99 -32.76 -7.98
CA ALA D 3 -21.38 -33.06 -6.69
C ALA D 3 -19.91 -33.40 -6.84
N GLY D 4 -19.08 -32.73 -6.04
CA GLY D 4 -17.64 -32.91 -6.09
C GLY D 4 -17.15 -34.05 -5.22
N VAL D 5 -15.87 -33.99 -4.89
CA VAL D 5 -15.22 -35.02 -4.09
C VAL D 5 -15.65 -34.88 -2.64
N ALA D 6 -16.05 -36.01 -2.03
CA ALA D 6 -16.40 -36.04 -0.62
C ALA D 6 -15.26 -36.64 0.18
N GLN D 7 -15.05 -36.11 1.38
CA GLN D 7 -13.96 -36.56 2.24
C GLN D 7 -14.45 -36.70 3.67
N SER D 8 -13.79 -37.58 4.44
CA SER D 8 -14.17 -37.83 5.82
C SER D 8 -12.96 -38.37 6.58
N PRO D 9 -12.68 -37.87 7.80
CA PRO D 9 -13.43 -36.76 8.42
C PRO D 9 -12.87 -35.40 8.03
N ARG D 10 -13.37 -34.33 8.66
CA ARG D 10 -12.89 -32.99 8.37
C ARG D 10 -11.74 -32.59 9.29
N TYR D 11 -11.83 -32.92 10.58
CA TYR D 11 -10.81 -32.59 11.55
C TYR D 11 -10.48 -33.83 12.38
N LYS D 12 -9.21 -33.94 12.78
CA LYS D 12 -8.77 -35.10 13.54
C LYS D 12 -7.62 -34.69 14.45
N ILE D 13 -7.71 -35.10 15.72
CA ILE D 13 -6.67 -34.87 16.70
C ILE D 13 -6.36 -36.21 17.36
N ILE D 14 -5.09 -36.62 17.31
CA ILE D 14 -4.64 -37.89 17.87
C ILE D 14 -3.26 -37.69 18.49
N GLU D 15 -2.72 -38.77 19.05
CA GLU D 15 -1.47 -38.73 19.79
C GLU D 15 -0.41 -39.57 19.08
N LYS D 16 0.86 -39.19 19.28
CA LYS D 16 1.98 -39.85 18.62
C LYS D 16 1.98 -41.35 18.88
N ARG D 17 2.14 -42.13 17.80
CA ARG D 17 2.09 -43.60 17.82
C ARG D 17 0.66 -44.11 18.05
N GLN D 18 -0.29 -43.57 17.29
CA GLN D 18 -1.61 -44.20 17.18
C GLN D 18 -2.15 -43.91 15.79
N SER D 19 -3.26 -44.58 15.45
CA SER D 19 -3.70 -44.71 14.07
C SER D 19 -4.85 -43.78 13.73
N VAL D 20 -5.01 -43.53 12.43
CA VAL D 20 -6.11 -42.75 11.89
C VAL D 20 -6.35 -43.20 10.45
N ALA D 21 -7.61 -43.14 10.01
CA ALA D 21 -8.00 -43.57 8.67
C ALA D 21 -8.84 -42.49 8.01
N PHE D 22 -8.34 -41.95 6.90
CA PHE D 22 -9.07 -40.97 6.10
C PHE D 22 -9.83 -41.67 4.98
N TRP D 23 -11.01 -41.13 4.67
CA TRP D 23 -11.87 -41.70 3.64
C TRP D 23 -12.20 -40.64 2.61
N CYS D 24 -12.36 -41.07 1.35
CA CYS D 24 -12.63 -40.16 0.26
C CYS D 24 -13.55 -40.81 -0.77
N ASN D 25 -14.49 -40.03 -1.30
CA ASN D 25 -15.35 -40.47 -2.40
C ASN D 25 -15.18 -39.50 -3.56
N PRO D 26 -14.70 -39.95 -4.71
CA PRO D 26 -14.44 -39.05 -5.83
C PRO D 26 -15.70 -38.80 -6.66
N ILE D 27 -15.55 -37.96 -7.68
CA ILE D 27 -16.65 -37.72 -8.61
C ILE D 27 -16.96 -39.02 -9.34
N SER D 28 -18.25 -39.31 -9.48
CA SER D 28 -18.70 -40.59 -10.02
C SER D 28 -18.11 -40.81 -11.41
N GLY D 29 -17.55 -42.00 -11.63
CA GLY D 29 -16.98 -42.36 -12.92
C GLY D 29 -15.55 -41.93 -13.14
N HIS D 30 -14.94 -41.24 -12.19
CA HIS D 30 -13.56 -40.78 -12.37
C HIS D 30 -12.61 -41.96 -12.18
N ALA D 31 -11.67 -42.11 -13.11
CA ALA D 31 -10.77 -43.26 -13.14
C ALA D 31 -9.52 -43.08 -12.28
N THR D 32 -9.14 -41.84 -11.97
CA THR D 32 -7.91 -41.58 -11.24
C THR D 32 -8.22 -40.87 -9.93
N LEU D 33 -7.65 -41.38 -8.84
CA LEU D 33 -7.80 -40.80 -7.51
C LEU D 33 -6.42 -40.48 -6.94
N TYR D 34 -6.30 -39.32 -6.30
CA TYR D 34 -5.06 -38.84 -5.72
C TYR D 34 -5.22 -38.58 -4.23
N TRP D 35 -4.17 -38.87 -3.46
CA TRP D 35 -4.08 -38.49 -2.06
C TRP D 35 -2.92 -37.53 -1.91
N TYR D 36 -3.20 -36.36 -1.33
CA TYR D 36 -2.20 -35.32 -1.15
C TYR D 36 -2.04 -35.02 0.34
N GLN D 37 -0.80 -34.72 0.74
CA GLN D 37 -0.50 -34.21 2.07
C GLN D 37 0.02 -32.79 1.95
N GLN D 38 -0.62 -31.87 2.67
CA GLN D 38 -0.24 -30.45 2.65
C GLN D 38 0.08 -30.03 4.08
N ILE D 39 1.37 -29.94 4.40
CA ILE D 39 1.77 -29.41 5.71
C ILE D 39 1.80 -27.89 5.64
N LEU D 40 1.67 -27.26 6.80
CA LEU D 40 1.47 -25.82 6.87
C LEU D 40 2.63 -25.07 6.22
N GLY D 41 2.29 -24.10 5.37
CA GLY D 41 3.27 -23.29 4.69
C GLY D 41 3.82 -23.85 3.41
N GLN D 42 3.37 -25.02 2.98
CA GLN D 42 3.86 -25.64 1.76
C GLN D 42 2.70 -26.02 0.85
N GLY D 43 3.01 -26.27 -0.41
CA GLY D 43 2.04 -26.75 -1.36
C GLY D 43 1.74 -28.22 -1.13
N PRO D 44 0.66 -28.69 -1.77
CA PRO D 44 0.29 -30.11 -1.64
C PRO D 44 1.36 -31.02 -2.21
N LYS D 45 1.55 -32.16 -1.55
CA LYS D 45 2.52 -33.16 -1.96
C LYS D 45 1.80 -34.48 -2.21
N LEU D 46 2.01 -35.06 -3.40
CA LEU D 46 1.31 -36.28 -3.75
C LEU D 46 1.81 -37.45 -2.89
N LEU D 47 0.87 -38.16 -2.28
CA LEU D 47 1.18 -39.33 -1.46
C LEU D 47 1.01 -40.62 -2.26
N ILE D 48 -0.19 -40.85 -2.79
CA ILE D 48 -0.48 -42.05 -3.56
C ILE D 48 -1.48 -41.70 -4.64
N GLN D 49 -1.35 -42.33 -5.80
CA GLN D 49 -2.24 -42.11 -6.94
C GLN D 49 -2.76 -43.45 -7.40
N PHE D 50 -4.08 -43.52 -7.65
CA PHE D 50 -4.72 -44.73 -8.13
C PHE D 50 -5.22 -44.51 -9.56
N GLN D 51 -5.04 -45.54 -10.39
CA GLN D 51 -5.71 -45.62 -11.69
C GLN D 51 -6.57 -46.87 -11.68
N ASN D 52 -7.88 -46.69 -11.80
CA ASN D 52 -8.86 -47.76 -11.54
C ASN D 52 -8.62 -48.22 -10.11
N ASN D 53 -8.51 -49.52 -9.85
CA ASN D 53 -8.30 -50.02 -8.50
C ASN D 53 -6.84 -50.30 -8.18
N GLY D 54 -5.93 -49.96 -9.09
CA GLY D 54 -4.51 -50.28 -8.93
C GLY D 54 -3.70 -49.04 -8.58
N VAL D 55 -2.71 -49.24 -7.71
CA VAL D 55 -1.81 -48.14 -7.36
C VAL D 55 -0.91 -47.84 -8.54
N VAL D 56 -0.75 -46.56 -8.85
CA VAL D 56 0.05 -46.14 -10.00
C VAL D 56 1.24 -45.27 -9.60
N ASP D 57 1.25 -44.63 -8.44
CA ASP D 57 2.38 -43.82 -8.00
C ASP D 57 2.56 -43.99 -6.50
N ASP D 58 3.72 -44.50 -6.11
CA ASP D 58 4.06 -44.76 -4.70
C ASP D 58 5.37 -44.09 -4.30
N SER D 59 5.95 -43.24 -5.16
CA SER D 59 7.33 -42.81 -4.99
C SER D 59 7.53 -42.04 -3.68
N GLN D 60 6.56 -41.22 -3.29
CA GLN D 60 6.71 -40.33 -2.15
C GLN D 60 5.88 -40.76 -0.94
N LEU D 61 5.44 -42.03 -0.91
CA LEU D 61 4.66 -42.52 0.21
C LEU D 61 5.58 -43.07 1.29
N PRO D 62 5.51 -42.57 2.53
CA PRO D 62 6.26 -43.19 3.63
C PRO D 62 5.62 -44.49 4.08
N LYS D 63 5.97 -45.58 3.40
CA LYS D 63 5.24 -46.85 3.52
C LYS D 63 5.34 -47.50 4.89
N ASP D 64 6.24 -47.05 5.77
CA ASP D 64 6.28 -47.61 7.11
C ASP D 64 5.02 -47.26 7.90
N ARG D 65 4.43 -46.10 7.63
CA ARG D 65 3.21 -45.65 8.29
C ARG D 65 2.03 -45.47 7.36
N PHE D 66 2.27 -45.14 6.08
CA PHE D 66 1.21 -44.74 5.16
C PHE D 66 0.75 -45.94 4.35
N SER D 67 -0.57 -46.13 4.29
CA SER D 67 -1.18 -47.16 3.46
C SER D 67 -2.49 -46.65 2.91
N ALA D 68 -2.87 -47.13 1.73
CA ALA D 68 -4.09 -46.69 1.06
C ALA D 68 -4.60 -47.80 0.17
N GLU D 69 -5.93 -47.86 0.04
CA GLU D 69 -6.57 -48.86 -0.80
C GLU D 69 -7.77 -48.25 -1.51
N ARG D 70 -7.91 -48.57 -2.79
CA ARG D 70 -9.13 -48.30 -3.56
C ARG D 70 -9.47 -49.61 -4.27
N LEU D 71 -10.15 -50.51 -3.54
CA LEU D 71 -10.24 -51.90 -3.96
C LEU D 71 -11.18 -52.07 -5.15
N LYS D 72 -12.32 -51.36 -5.15
CA LYS D 72 -13.28 -51.44 -6.24
C LYS D 72 -13.13 -50.29 -7.23
N GLY D 73 -12.11 -49.46 -7.09
CA GLY D 73 -11.90 -48.38 -8.02
C GLY D 73 -12.86 -47.22 -7.87
N VAL D 74 -13.55 -47.10 -6.74
CA VAL D 74 -14.41 -45.92 -6.56
C VAL D 74 -13.90 -45.09 -5.39
N ASP D 75 -14.05 -45.59 -4.17
CA ASP D 75 -13.69 -44.83 -2.99
C ASP D 75 -12.43 -45.42 -2.35
N SER D 76 -11.64 -44.55 -1.72
CA SER D 76 -10.35 -44.92 -1.20
C SER D 76 -10.24 -44.53 0.27
N THR D 77 -9.47 -45.33 1.02
CA THR D 77 -9.19 -45.07 2.42
C THR D 77 -7.69 -44.97 2.61
N LEU D 78 -7.25 -43.90 3.26
CA LEU D 78 -5.84 -43.68 3.57
C LEU D 78 -5.63 -43.81 5.08
N LYS D 79 -4.66 -44.62 5.48
CA LYS D 79 -4.44 -44.95 6.87
C LYS D 79 -3.04 -44.55 7.31
N ILE D 80 -2.93 -44.11 8.56
CA ILE D 80 -1.66 -43.72 9.16
C ILE D 80 -1.45 -44.60 10.39
N GLN D 81 -0.36 -45.35 10.41
CA GLN D 81 -0.08 -46.23 11.55
C GLN D 81 1.40 -46.55 11.66
N PRO D 82 2.10 -46.11 12.72
CA PRO D 82 1.58 -45.22 13.77
C PRO D 82 2.00 -43.76 13.54
N ALA D 83 1.09 -42.82 13.75
CA ALA D 83 1.35 -41.43 13.40
C ALA D 83 2.50 -40.84 14.22
N LYS D 84 3.26 -39.98 13.57
CA LYS D 84 4.38 -39.25 14.18
C LYS D 84 4.02 -37.77 14.30
N LEU D 85 4.82 -37.05 15.10
CA LEU D 85 4.56 -35.63 15.31
C LEU D 85 4.59 -34.84 14.02
N GLU D 86 5.37 -35.28 13.03
CA GLU D 86 5.47 -34.58 11.76
C GLU D 86 4.30 -34.86 10.82
N ASP D 87 3.30 -35.63 11.26
CA ASP D 87 2.15 -35.95 10.42
C ASP D 87 1.08 -34.87 10.43
N SER D 88 1.22 -33.85 11.27
CA SER D 88 0.25 -32.77 11.34
C SER D 88 0.18 -32.04 10.02
N ALA D 89 -0.93 -32.18 9.30
CA ALA D 89 -1.08 -31.62 7.97
C ALA D 89 -2.54 -31.71 7.56
N VAL D 90 -2.85 -31.15 6.41
CA VAL D 90 -4.15 -31.30 5.77
C VAL D 90 -4.00 -32.34 4.67
N TYR D 91 -4.82 -33.38 4.71
CA TYR D 91 -4.77 -34.46 3.74
C TYR D 91 -5.92 -34.29 2.75
N LEU D 92 -5.58 -34.10 1.49
CA LEU D 92 -6.55 -33.81 0.44
C LEU D 92 -6.71 -35.01 -0.49
N CYS D 93 -7.94 -35.23 -0.92
CA CYS D 93 -8.25 -36.24 -1.92
C CYS D 93 -8.73 -35.55 -3.20
N ALA D 94 -8.29 -36.07 -4.34
CA ALA D 94 -8.63 -35.49 -5.63
C ALA D 94 -8.92 -36.59 -6.64
N SER D 95 -9.68 -36.25 -7.68
CA SER D 95 -9.96 -37.20 -8.75
C SER D 95 -9.96 -36.49 -10.08
N SER D 96 -9.67 -37.27 -11.13
CA SER D 96 -9.69 -36.79 -12.51
C SER D 96 -10.47 -37.80 -13.36
N LEU D 97 -11.12 -37.30 -14.41
CA LEU D 97 -11.91 -38.18 -15.26
C LEU D 97 -11.05 -39.25 -15.90
N VAL D 98 -9.88 -38.88 -16.41
CA VAL D 98 -9.03 -39.85 -17.09
C VAL D 98 -7.72 -40.03 -16.33
N ALA D 99 -6.88 -39.00 -16.31
CA ALA D 99 -5.56 -39.13 -15.71
C ALA D 99 -5.06 -37.74 -15.31
N GLU D 100 -3.75 -37.66 -15.03
CA GLU D 100 -3.14 -36.50 -14.42
C GLU D 100 -3.16 -35.25 -15.29
N THR D 101 -3.27 -35.39 -16.62
CA THR D 101 -3.34 -34.21 -17.46
C THR D 101 -4.72 -33.54 -17.43
N TYR D 102 -5.73 -34.24 -16.92
CA TYR D 102 -7.05 -33.65 -16.79
C TYR D 102 -7.12 -32.78 -15.53
N GLU D 103 -8.21 -32.02 -15.43
CA GLU D 103 -8.43 -31.24 -14.22
C GLU D 103 -8.56 -32.18 -13.03
N GLN D 104 -7.91 -31.83 -11.92
CA GLN D 104 -8.00 -32.57 -10.68
C GLN D 104 -8.98 -31.84 -9.77
N TYR D 105 -10.13 -32.48 -9.51
CA TYR D 105 -11.13 -31.91 -8.60
C TYR D 105 -10.79 -32.31 -7.18
N PHE D 106 -10.64 -31.31 -6.31
CA PHE D 106 -10.21 -31.55 -4.94
C PHE D 106 -11.40 -31.56 -3.98
N GLY D 107 -11.30 -32.41 -2.97
CA GLY D 107 -12.28 -32.44 -1.91
C GLY D 107 -11.99 -31.40 -0.84
N PRO D 108 -12.86 -31.34 0.17
CA PRO D 108 -12.68 -30.36 1.25
C PRO D 108 -11.41 -30.56 2.05
N GLY D 109 -10.88 -31.77 2.09
CA GLY D 109 -9.67 -32.05 2.84
C GLY D 109 -9.96 -32.50 4.26
N THR D 110 -8.94 -33.11 4.88
CA THR D 110 -9.01 -33.58 6.25
C THR D 110 -7.87 -32.93 7.03
N ARG D 111 -8.21 -32.18 8.07
CA ARG D 111 -7.21 -31.52 8.90
C ARG D 111 -6.83 -32.45 10.04
N LEU D 112 -5.56 -32.85 10.08
CA LEU D 112 -5.06 -33.76 11.10
C LEU D 112 -4.00 -33.07 11.94
N THR D 113 -4.21 -33.06 13.25
CA THR D 113 -3.20 -32.61 14.21
C THR D 113 -2.81 -33.80 15.07
N VAL D 114 -1.50 -34.01 15.22
CA VAL D 114 -0.97 -35.09 16.03
C VAL D 114 -0.23 -34.47 17.21
N THR D 115 -0.83 -34.57 18.40
CA THR D 115 -0.27 -33.96 19.59
C THR D 115 0.57 -34.96 20.35
N GLU D 116 1.40 -34.43 21.26
CA GLU D 116 2.23 -35.31 22.11
C GLU D 116 1.39 -35.96 23.19
N ASP D 117 0.32 -35.31 23.64
CA ASP D 117 -0.54 -35.84 24.68
C ASP D 117 -1.92 -35.23 24.53
N LEU D 118 -2.95 -36.07 24.64
CA LEU D 118 -4.32 -35.60 24.48
C LEU D 118 -4.76 -34.64 25.59
N ASN D 119 -3.99 -34.54 26.68
CA ASN D 119 -4.28 -33.59 27.73
C ASN D 119 -3.95 -32.16 27.35
N LYS D 120 -3.23 -31.94 26.25
CA LYS D 120 -2.80 -30.61 25.85
C LYS D 120 -3.82 -29.88 24.98
N VAL D 121 -4.88 -30.55 24.56
CA VAL D 121 -5.91 -29.91 23.74
C VAL D 121 -6.96 -29.28 24.65
N PHE D 122 -7.38 -28.07 24.31
CA PHE D 122 -8.27 -27.28 25.16
C PHE D 122 -9.32 -26.58 24.29
N PRO D 123 -10.49 -26.30 24.86
CA PRO D 123 -11.50 -25.54 24.12
C PRO D 123 -11.16 -24.05 24.09
N PRO D 124 -11.71 -23.29 23.15
CA PRO D 124 -11.41 -21.87 23.09
C PRO D 124 -12.07 -21.07 24.21
N GLU D 125 -11.43 -19.97 24.58
CA GLU D 125 -12.00 -18.98 25.48
C GLU D 125 -12.47 -17.80 24.64
N VAL D 126 -13.72 -17.42 24.81
CA VAL D 126 -14.29 -16.32 24.04
C VAL D 126 -14.55 -15.11 24.94
N VAL D 128 -15.53 -10.53 23.25
CA VAL D 128 -16.44 -9.68 22.49
C VAL D 128 -16.37 -8.25 23.00
N PHE D 129 -15.28 -7.59 22.64
CA PHE D 129 -15.02 -6.23 23.13
C PHE D 129 -15.94 -5.25 22.42
N GLU D 130 -16.74 -4.53 23.20
CA GLU D 130 -17.71 -3.61 22.63
C GLU D 130 -17.02 -2.41 21.98
N PRO D 131 -17.67 -1.79 20.98
CA PRO D 131 -17.03 -0.67 20.27
C PRO D 131 -16.65 0.47 21.20
N SER D 132 -15.51 1.09 20.92
CA SER D 132 -15.05 2.23 21.70
C SER D 132 -15.87 3.46 21.37
N GLU D 133 -16.20 4.23 22.41
CA GLU D 133 -17.06 5.40 22.22
C GLU D 133 -16.40 6.46 21.34
N ALA D 134 -15.06 6.54 21.38
CA ALA D 134 -14.36 7.48 20.50
C ALA D 134 -14.52 7.12 19.04
N GLU D 135 -14.83 5.86 18.72
CA GLU D 135 -14.92 5.46 17.33
C GLU D 135 -16.24 5.88 16.70
N ILE D 136 -17.34 5.79 17.45
CA ILE D 136 -18.61 6.31 16.97
C ILE D 136 -18.49 7.81 16.71
N SER D 137 -17.89 8.54 17.65
CA SER D 137 -17.74 9.98 17.49
C SER D 137 -16.88 10.32 16.28
N HIS D 138 -15.76 9.62 16.10
CA HIS D 138 -14.83 9.94 15.03
C HIS D 138 -15.34 9.50 13.65
N THR D 139 -15.91 8.29 13.56
CA THR D 139 -16.20 7.69 12.28
C THR D 139 -17.68 7.43 12.02
N GLN D 140 -18.55 7.61 13.02
CA GLN D 140 -19.98 7.27 12.89
C GLN D 140 -20.16 5.79 12.55
N LYS D 141 -19.32 4.93 13.15
CA LYS D 141 -19.38 3.49 12.95
C LYS D 141 -19.11 2.78 14.28
N ALA D 142 -19.27 1.45 14.27
CA ALA D 142 -19.14 0.65 15.49
C ALA D 142 -18.44 -0.66 15.17
N THR D 143 -17.16 -0.78 15.56
CA THR D 143 -16.39 -2.00 15.37
C THR D 143 -16.47 -2.88 16.61
N LEU D 144 -16.79 -4.15 16.41
CA LEU D 144 -16.73 -5.14 17.47
C LEU D 144 -15.51 -6.05 17.25
N VAL D 145 -14.84 -6.38 18.35
CA VAL D 145 -13.65 -7.24 18.31
C VAL D 145 -13.94 -8.46 19.17
N CYS D 146 -13.67 -9.64 18.61
CA CYS D 146 -13.85 -10.90 19.31
C CYS D 146 -12.53 -11.66 19.38
N LEU D 147 -12.24 -12.21 20.55
CA LEU D 147 -11.01 -12.96 20.79
C LEU D 147 -11.35 -14.40 21.15
N ALA D 148 -10.71 -15.34 20.47
CA ALA D 148 -10.80 -16.77 20.78
C ALA D 148 -9.45 -17.20 21.32
N THR D 149 -9.38 -17.45 22.63
CA THR D 149 -8.12 -17.66 23.33
C THR D 149 -8.05 -19.05 23.92
N GLY D 150 -6.82 -19.56 24.06
CA GLY D 150 -6.57 -20.75 24.84
C GLY D 150 -7.00 -22.05 24.19
N PHE D 151 -7.33 -22.07 22.90
CA PHE D 151 -7.77 -23.31 22.29
C PHE D 151 -6.60 -24.09 21.72
N PHE D 152 -6.78 -25.41 21.68
CA PHE D 152 -5.86 -26.34 21.03
C PHE D 152 -6.65 -27.60 20.75
N PRO D 153 -6.54 -28.19 19.54
CA PRO D 153 -5.68 -27.71 18.46
C PRO D 153 -6.33 -26.56 17.68
N ASP D 154 -5.69 -26.15 16.57
CA ASP D 154 -6.19 -25.05 15.75
C ASP D 154 -7.22 -25.58 14.76
N HIS D 155 -8.35 -26.03 15.33
CA HIS D 155 -9.50 -26.52 14.55
C HIS D 155 -10.73 -25.75 15.00
N VAL D 156 -10.93 -24.54 14.45
CA VAL D 156 -12.10 -23.73 14.76
C VAL D 156 -12.65 -23.10 13.49
N GLU D 157 -13.94 -22.75 13.54
CA GLU D 157 -14.63 -22.04 12.47
C GLU D 157 -15.42 -20.90 13.11
N LEU D 158 -14.82 -19.71 13.09
CA LEU D 158 -15.45 -18.53 13.65
C LEU D 158 -16.53 -17.99 12.72
N SER D 159 -17.57 -17.40 13.32
CA SER D 159 -18.66 -16.83 12.56
C SER D 159 -19.31 -15.72 13.37
N TRP D 160 -20.03 -14.84 12.69
CA TRP D 160 -20.79 -13.76 13.30
C TRP D 160 -22.26 -13.94 12.98
N TRP D 161 -23.10 -13.88 14.00
CA TRP D 161 -24.55 -13.99 13.86
C TRP D 161 -25.21 -12.72 14.36
N VAL D 162 -26.05 -12.11 13.54
CA VAL D 162 -26.77 -10.89 13.88
C VAL D 162 -28.25 -11.19 13.70
N ASN D 163 -28.95 -11.36 14.81
CA ASN D 163 -30.41 -11.58 14.82
C ASN D 163 -30.85 -12.69 13.88
N LYS D 165 -29.32 -15.10 11.98
CA LYS D 165 -28.89 -14.76 10.63
C LYS D 165 -27.39 -14.48 10.58
N GLU D 166 -26.64 -15.40 9.99
CA GLU D 166 -25.20 -15.20 9.82
C GLU D 166 -24.94 -14.09 8.82
N VAL D 167 -23.88 -13.31 9.07
CA VAL D 167 -23.52 -12.17 8.23
C VAL D 167 -22.06 -12.29 7.82
N HIS D 168 -21.77 -11.93 6.58
CA HIS D 168 -20.40 -11.88 6.10
C HIS D 168 -19.92 -10.48 5.73
N SER D 169 -20.83 -9.54 5.49
CA SER D 169 -20.43 -8.18 5.19
C SER D 169 -19.87 -7.50 6.43
N GLY D 170 -18.76 -6.79 6.26
CA GLY D 170 -18.14 -6.09 7.36
C GLY D 170 -17.40 -6.97 8.34
N VAL D 171 -17.05 -8.19 7.95
CA VAL D 171 -16.41 -9.17 8.83
C VAL D 171 -15.00 -9.41 8.32
N CYS D 172 -14.02 -9.39 9.24
CA CYS D 172 -12.63 -9.72 8.94
C CYS D 172 -12.10 -10.60 10.06
N THR D 173 -12.02 -11.90 9.79
CA THR D 173 -11.39 -12.84 10.71
C THR D 173 -9.93 -13.02 10.33
N ASP D 174 -9.09 -13.27 11.34
CA ASP D 174 -7.66 -13.39 11.11
C ASP D 174 -7.37 -14.54 10.16
N PRO D 175 -6.38 -14.43 9.29
CA PRO D 175 -6.08 -15.52 8.35
C PRO D 175 -5.54 -16.75 9.07
N GLN D 176 -4.57 -16.55 9.96
CA GLN D 176 -4.01 -17.63 10.75
C GLN D 176 -3.80 -17.12 12.18
N PRO D 177 -4.35 -17.81 13.18
CA PRO D 177 -4.13 -17.41 14.58
C PRO D 177 -2.64 -17.39 14.93
N LEU D 178 -2.36 -16.79 16.09
CA LEU D 178 -1.01 -16.73 16.62
C LEU D 178 -0.82 -17.73 17.76
N LYS D 179 0.43 -18.08 18.01
CA LYS D 179 0.76 -19.01 19.08
C LYS D 179 0.86 -18.24 20.40
N GLU D 180 0.11 -18.69 21.41
CA GLU D 180 0.20 -18.07 22.72
C GLU D 180 1.58 -18.24 23.33
N GLN D 181 2.23 -19.37 23.05
CA GLN D 181 3.61 -19.62 23.46
C GLN D 181 4.38 -20.01 22.21
N PRO D 182 4.90 -19.03 21.47
CA PRO D 182 5.52 -19.34 20.17
C PRO D 182 6.69 -20.31 20.26
N ALA D 183 7.46 -20.26 21.34
CA ALA D 183 8.63 -21.12 21.50
C ALA D 183 8.30 -22.45 22.16
N LEU D 184 7.03 -22.71 22.48
CA LEU D 184 6.61 -23.95 23.11
C LEU D 184 5.81 -24.76 22.10
N ASN D 185 6.24 -25.99 21.85
CA ASN D 185 5.51 -26.87 20.94
C ASN D 185 4.18 -27.28 21.57
N ASP D 186 3.20 -27.53 20.70
CA ASP D 186 1.84 -27.89 21.11
C ASP D 186 1.23 -26.82 22.01
N SER D 187 1.62 -25.56 21.81
CA SER D 187 1.07 -24.47 22.59
C SER D 187 -0.36 -24.17 22.18
N ARG D 188 -1.07 -23.48 23.05
CA ARG D 188 -2.41 -23.01 22.75
C ARG D 188 -2.34 -21.81 21.80
N TYR D 189 -3.46 -21.56 21.12
CA TYR D 189 -3.53 -20.54 20.08
C TYR D 189 -4.50 -19.44 20.51
N SER D 190 -4.53 -18.37 19.71
CA SER D 190 -5.49 -17.30 19.90
C SER D 190 -5.86 -16.70 18.55
N LEU D 191 -7.14 -16.46 18.33
CA LEU D 191 -7.67 -15.94 17.07
C LEU D 191 -8.54 -14.72 17.33
N SER D 192 -8.37 -13.70 16.50
CA SER D 192 -9.13 -12.46 16.62
C SER D 192 -9.94 -12.22 15.35
N SER D 193 -11.10 -11.58 15.53
CA SER D 193 -11.96 -11.23 14.40
C SER D 193 -12.66 -9.92 14.69
N ARG D 194 -13.01 -9.19 13.64
CA ARG D 194 -13.63 -7.88 13.75
C ARG D 194 -14.91 -7.85 12.93
N LEU D 195 -15.94 -7.22 13.50
CA LEU D 195 -17.15 -6.87 12.76
C LEU D 195 -17.48 -5.43 13.08
N ARG D 196 -17.54 -4.58 12.06
CA ARG D 196 -17.93 -3.20 12.23
C ARG D 196 -19.24 -2.94 11.50
N VAL D 197 -20.17 -2.28 12.18
CA VAL D 197 -21.45 -1.88 11.61
C VAL D 197 -21.58 -0.37 11.76
N SER D 198 -22.55 0.20 11.05
CA SER D 198 -22.79 1.64 11.12
C SER D 198 -23.22 2.04 12.53
N ALA D 199 -23.05 3.32 12.84
CA ALA D 199 -23.37 3.81 14.18
C ALA D 199 -24.85 3.62 14.48
N THR D 200 -25.72 3.96 13.53
CA THR D 200 -27.16 3.87 13.77
C THR D 200 -27.58 2.45 14.11
N PHE D 201 -26.98 1.46 13.45
CA PHE D 201 -27.31 0.06 13.73
C PHE D 201 -26.98 -0.32 15.16
N TRP D 202 -25.83 0.12 15.66
CA TRP D 202 -25.48 -0.16 17.05
C TRP D 202 -26.14 0.79 18.04
N GLN D 203 -26.67 1.93 17.58
CA GLN D 203 -27.52 2.75 18.45
C GLN D 203 -28.79 1.99 18.83
N ASN D 204 -29.33 1.21 17.89
CA ASN D 204 -30.56 0.49 18.14
C ASN D 204 -30.35 -0.58 19.21
N PRO D 205 -31.32 -0.77 20.11
CA PRO D 205 -31.15 -1.75 21.19
C PRO D 205 -31.59 -3.15 20.83
N ARG D 206 -32.36 -3.30 19.74
CA ARG D 206 -32.97 -4.58 19.40
C ARG D 206 -32.11 -5.42 18.47
N ASN D 207 -30.79 -5.26 18.51
CA ASN D 207 -29.87 -6.03 17.68
C ASN D 207 -29.00 -6.91 18.57
N HIS D 208 -29.00 -8.21 18.29
CA HIS D 208 -28.22 -9.18 19.04
C HIS D 208 -27.00 -9.59 18.24
N PHE D 209 -25.81 -9.32 18.78
CA PHE D 209 -24.56 -9.63 18.11
C PHE D 209 -23.93 -10.84 18.79
N ARG D 210 -23.59 -11.86 18.00
CA ARG D 210 -22.97 -13.06 18.52
C ARG D 210 -21.69 -13.37 17.75
N CYS D 211 -20.62 -13.66 18.50
CA CYS D 211 -19.37 -14.15 17.93
C CYS D 211 -19.27 -15.62 18.31
N GLN D 212 -19.42 -16.50 17.31
CA GLN D 212 -19.57 -17.93 17.53
C GLN D 212 -18.35 -18.67 17.02
N VAL D 213 -17.72 -19.45 17.90
CA VAL D 213 -16.54 -20.25 17.56
C VAL D 213 -16.91 -21.71 17.71
N GLN D 214 -16.74 -22.48 16.64
CA GLN D 214 -17.03 -23.91 16.63
C GLN D 214 -15.72 -24.67 16.81
N PHE D 215 -15.62 -25.45 17.88
CA PHE D 215 -14.40 -26.19 18.20
C PHE D 215 -14.50 -27.61 17.67
N TYR D 216 -13.33 -28.17 17.36
CA TYR D 216 -13.24 -29.54 16.85
C TYR D 216 -12.20 -30.34 17.61
N LEU D 218 -11.80 -33.99 20.78
CA LEU D 218 -11.96 -35.44 20.78
C LEU D 218 -13.42 -35.83 20.92
N SER D 219 -13.72 -37.11 20.72
CA SER D 219 -15.06 -37.65 20.87
C SER D 219 -15.06 -38.68 22.00
N GLU D 220 -16.24 -39.22 22.31
CA GLU D 220 -16.40 -40.05 23.50
C GLU D 220 -15.62 -41.36 23.43
N ASN D 221 -15.16 -41.77 22.24
CA ASN D 221 -14.50 -43.06 22.11
C ASN D 221 -13.20 -43.12 22.90
N ASP D 222 -12.43 -42.05 22.89
CA ASP D 222 -11.17 -41.97 23.63
C ASP D 222 -11.34 -41.24 24.95
N GLU D 223 -12.48 -41.48 25.61
CA GLU D 223 -12.85 -40.76 26.82
C GLU D 223 -11.75 -40.81 27.87
N TRP D 224 -11.51 -39.68 28.52
CA TRP D 224 -10.51 -39.66 29.57
C TRP D 224 -11.09 -39.67 30.97
N THR D 225 -12.28 -39.08 31.18
CA THR D 225 -12.96 -39.01 32.48
C THR D 225 -12.12 -38.34 33.57
N GLN D 226 -11.83 -37.03 33.42
CA GLN D 226 -11.28 -36.24 34.53
C GLN D 226 -12.09 -34.98 34.78
N ASP D 227 -11.56 -34.16 35.70
CA ASP D 227 -12.29 -33.07 36.33
C ASP D 227 -12.71 -32.00 35.34
N ARG D 228 -11.73 -31.30 34.75
CA ARG D 228 -12.06 -30.34 33.70
C ARG D 228 -12.61 -31.10 32.51
N ALA D 229 -13.74 -30.63 31.98
CA ALA D 229 -14.46 -31.37 30.95
C ALA D 229 -13.56 -31.63 29.76
N LYS D 230 -13.68 -32.83 29.20
CA LYS D 230 -12.90 -33.19 28.03
C LYS D 230 -13.20 -32.18 26.91
N PRO D 231 -12.19 -31.66 26.25
CA PRO D 231 -12.46 -30.67 25.19
C PRO D 231 -13.11 -31.32 23.99
N VAL D 232 -14.38 -31.70 24.16
CA VAL D 232 -15.17 -32.27 23.08
C VAL D 232 -15.49 -31.17 22.08
N THR D 233 -15.54 -31.54 20.79
CA THR D 233 -15.90 -30.58 19.75
C THR D 233 -17.21 -29.89 20.10
N GLN D 234 -17.13 -28.58 20.32
CA GLN D 234 -18.23 -27.83 20.91
C GLN D 234 -18.28 -26.45 20.25
N ILE D 235 -19.15 -25.59 20.79
CA ILE D 235 -19.29 -24.21 20.33
C ILE D 235 -19.18 -23.30 21.54
N VAL D 236 -18.04 -22.62 21.68
CA VAL D 236 -17.86 -21.62 22.71
C VAL D 236 -18.20 -20.27 22.10
N SER D 237 -19.20 -19.59 22.68
CA SER D 237 -19.76 -18.39 22.09
C SER D 237 -19.90 -17.30 23.15
N ALA D 238 -20.03 -16.07 22.67
CA ALA D 238 -20.29 -14.92 23.52
C ALA D 238 -20.98 -13.86 22.67
N GLU D 239 -21.59 -12.88 23.34
CA GLU D 239 -22.55 -12.01 22.66
C GLU D 239 -22.54 -10.62 23.28
N ALA D 240 -23.21 -9.70 22.60
CA ALA D 240 -23.44 -8.35 23.07
C ALA D 240 -24.68 -7.80 22.40
N TRP D 241 -25.35 -6.86 23.08
CA TRP D 241 -26.60 -6.30 22.59
C TRP D 241 -26.47 -4.85 22.11
N GLY D 242 -25.86 -3.98 22.92
CA GLY D 242 -25.68 -2.60 22.53
C GLY D 242 -26.92 -1.73 22.65
N ALA E 1 22.81 12.32 -7.02
CA ALA E 1 23.05 12.09 -8.44
C ALA E 1 21.84 11.42 -9.06
N LEU E 2 21.70 11.60 -10.37
CA LEU E 2 20.55 11.10 -11.10
C LEU E 2 20.58 9.58 -11.24
N HIS E 3 19.40 9.01 -11.38
CA HIS E 3 19.27 7.63 -11.81
C HIS E 3 19.62 7.51 -13.29
N GLY E 4 20.25 6.40 -13.67
CA GLY E 4 20.61 6.17 -15.05
C GLY E 4 20.30 4.75 -15.47
N GLY E 5 20.42 4.49 -16.77
CA GLY E 5 20.23 3.15 -17.29
C GLY E 5 18.80 2.66 -17.18
N TRP E 6 17.86 3.48 -17.64
CA TRP E 6 16.45 3.18 -17.57
C TRP E 6 15.97 2.59 -18.91
N THR E 7 14.66 2.51 -19.09
CA THR E 7 14.06 1.94 -20.29
C THR E 7 12.85 2.78 -20.69
N THR E 8 12.34 2.53 -21.90
CA THR E 8 11.24 3.31 -22.45
C THR E 8 9.89 2.79 -21.96
N LYS E 9 8.88 3.64 -22.07
CA LYS E 9 7.50 3.29 -21.70
C LYS E 9 6.79 2.49 -22.81
C1 GOL F . 10.38 18.40 -1.47
O1 GOL F . 10.88 17.37 -2.27
C2 GOL F . 10.87 19.73 -2.09
O2 GOL F . 10.39 20.84 -1.39
C3 GOL F . 10.36 19.70 -3.55
O3 GOL F . 9.01 19.39 -3.48
C1 GOL G . -6.40 0.60 -14.09
O1 GOL G . -7.13 0.80 -12.92
C2 GOL G . -7.16 -0.44 -14.94
O2 GOL G . -7.20 -0.10 -16.29
C3 GOL G . -6.45 -1.81 -14.70
O3 GOL G . -5.57 -1.66 -13.62
C1 GOL H . 14.70 -8.19 -19.04
O1 GOL H . 14.88 -8.27 -20.41
C2 GOL H . 14.91 -9.60 -18.42
O2 GOL H . 14.59 -9.64 -17.07
C3 GOL H . 14.02 -10.53 -19.28
O3 GOL H . 14.47 -10.44 -20.58
C1 GOL I . 9.90 15.82 -31.20
O1 GOL I . 10.55 14.75 -30.59
C2 GOL I . 8.42 15.42 -31.36
O2 GOL I . 8.23 14.59 -32.46
C3 GOL I . 7.65 16.76 -31.49
O3 GOL I . 6.57 16.68 -30.60
C1 GOL J . 5.34 38.74 4.12
O1 GOL J . 5.04 39.14 2.83
C2 GOL J . 5.72 40.02 4.91
O2 GOL J . 6.54 39.75 5.99
C3 GOL J . 4.35 40.66 5.31
O3 GOL J . 4.15 40.36 6.66
C1 GOL K . -0.25 50.78 -2.96
O1 GOL K . -1.27 51.29 -2.18
C2 GOL K . 0.43 49.65 -2.15
O2 GOL K . 1.35 50.15 -1.25
C3 GOL K . 1.08 48.73 -3.21
O3 GOL K . 0.22 47.66 -3.45
C1 GOL L . -3.16 47.19 -3.22
O1 GOL L . -4.14 47.11 -2.24
C2 GOL L . -3.09 48.65 -3.70
O2 GOL L . -4.35 49.23 -3.79
C3 GOL L . -2.38 48.59 -5.09
O3 GOL L . -1.48 47.52 -5.07
C1 GOL M . 8.59 27.43 -17.99
O1 GOL M . 8.76 27.92 -16.70
C2 GOL M . 7.23 26.70 -18.02
O2 GOL M . 6.15 27.59 -17.92
C3 GOL M . 7.23 25.91 -19.37
O3 GOL M . 5.95 25.39 -19.55
C1 GOL N . -11.86 29.77 -20.27
O1 GOL N . -10.88 30.66 -20.72
C2 GOL N . -11.19 28.38 -20.14
O2 GOL N . -12.01 27.46 -19.49
C3 GOL N . -10.87 27.95 -21.59
O3 GOL N . -10.29 26.68 -21.53
C1 GOL O . -5.72 33.10 -7.64
O1 GOL O . -6.61 32.03 -7.64
C2 GOL O . -5.50 33.56 -6.16
O2 GOL O . -6.31 34.64 -5.82
C3 GOL O . -5.78 32.30 -5.29
O3 GOL O . -5.22 32.55 -4.04
C1 GOL P . 0.10 -30.73 -16.62
O1 GOL P . 0.60 -29.47 -16.21
C2 GOL P . 0.17 -31.74 -15.43
O2 GOL P . -0.07 -33.05 -15.84
C3 GOL P . -0.90 -31.25 -14.41
O3 GOL P . -2.14 -31.65 -14.92
C1 GOL Q . -11.08 -23.12 -15.68
O1 GOL Q . -11.58 -22.19 -14.78
C2 GOL Q . -12.23 -23.93 -16.29
O2 GOL Q . -12.58 -25.01 -15.49
C3 GOL Q . -11.72 -24.37 -17.68
O3 GOL Q . -11.82 -23.25 -18.53
C1 GOL R . 13.80 0.76 -26.28
O1 GOL R . 14.84 0.61 -27.20
C2 GOL R . 14.32 0.23 -24.92
O2 GOL R . 13.95 1.05 -23.86
C3 GOL R . 13.75 -1.21 -24.78
O3 GOL R . 12.40 -1.15 -25.12
#